data_1G8G
#
_entry.id   1G8G
#
_cell.length_a   185.922
_cell.length_b   185.922
_cell.length_c   223.674
_cell.angle_alpha   90.00
_cell.angle_beta   90.00
_cell.angle_gamma   120.00
#
_symmetry.space_group_name_H-M   'H 3 2'
#
loop_
_entity.id
_entity.type
_entity.pdbx_description
1 polymer 'SULFATE ADENYLYLTRANSFERASE'
2 non-polymer 'CADMIUM ION'
3 non-polymer 'CALCIUM ION'
4 non-polymer 'SODIUM ION'
5 non-polymer 'MAGNESIUM ION'
6 non-polymer "ADENOSINE-5'-PHOSPHOSULFATE"
7 non-polymer 2-AMINO-2-HYDROXYMETHYL-PROPANE-1,3-DIOL
8 non-polymer 'ACETIC ACID'
9 water water
#
_entity_poly.entity_id   1
_entity_poly.type   'polypeptide(L)'
_entity_poly.pdbx_seq_one_letter_code
;MPAPHGGILQDLIARDALKKNELLSEAQSSDILVWNLTPRQLCDIELILNGGFSPLTGFLNENDYSSVVTDSRLADGTLW
TIPITLDVDEAFANQIKPDTRIALFQDDEIPIAILTVQDVYKPNKTIEAERVFRGDPEHPAISYLFNVAGDYYVGGSLEA
IQLPQHYDYPGLRKTPAQLRLEFQSRQWDRVVAFQTRNPMHRAHRELTVRAAREANAKVLIHPVVGLTKPGDIDHHTRVR
VYQEIIKRYPNGIAFLSLLPLAMRMSGDREAVWHAIIRKNYGASHFIVGRDHAGPGKNSKGVDFYGPYDAQELVESYKHE
LDIEVVPFRMVTYLPDEDRYAPIDQIDTTKTRTLNISGTELRRRLRVGGEIPEWFSYPEVVKILRESNPPRPKQGFSIVL
GNSLTVSREQLSIALLSTFLQFGGGRYYKIFEHNNKTELLSLIQDFIGSGSGLIIPDQWEDDKDSVVGKQNVYLLDTSSS
ADIQLESADEPISHIVQKVVLFLEDNGFFVF
;
_entity_poly.pdbx_strand_id   A,B
#
# COMPACT_ATOMS: atom_id res chain seq x y z
N PRO A 2 6.07 17.66 -48.37
CA PRO A 2 6.33 18.85 -49.22
C PRO A 2 7.76 18.89 -49.79
N ALA A 3 7.96 19.64 -50.85
CA ALA A 3 9.28 19.76 -51.47
C ALA A 3 10.21 20.50 -50.54
N PRO A 4 11.49 20.09 -50.48
CA PRO A 4 12.36 20.83 -49.56
C PRO A 4 12.47 22.32 -49.94
N HIS A 5 12.65 23.15 -48.92
CA HIS A 5 12.76 24.59 -49.10
C HIS A 5 13.79 24.91 -50.17
N GLY A 6 13.32 25.51 -51.27
CA GLY A 6 14.22 25.86 -52.35
C GLY A 6 14.19 24.86 -53.48
N GLY A 7 13.47 23.76 -53.30
CA GLY A 7 13.36 22.75 -54.34
C GLY A 7 14.21 21.50 -54.19
N ILE A 8 15.41 21.63 -53.67
CA ILE A 8 16.26 20.46 -53.56
C ILE A 8 16.78 20.14 -52.17
N LEU A 9 16.65 18.89 -51.76
CA LEU A 9 17.18 18.48 -50.48
C LEU A 9 18.69 18.48 -50.65
N GLN A 10 19.35 19.46 -50.05
CA GLN A 10 20.80 19.55 -50.14
C GLN A 10 21.48 18.56 -49.18
N ASP A 11 21.28 17.27 -49.46
CA ASP A 11 21.86 16.23 -48.63
C ASP A 11 23.29 16.04 -49.15
N LEU A 12 24.23 16.76 -48.55
CA LEU A 12 25.62 16.69 -48.99
C LEU A 12 26.33 15.39 -48.62
N ILE A 13 25.80 14.63 -47.65
CA ILE A 13 26.44 13.36 -47.33
C ILE A 13 26.21 12.45 -48.56
N ALA A 14 24.99 12.47 -49.09
CA ALA A 14 24.66 11.66 -50.26
C ALA A 14 25.34 12.20 -51.52
N ARG A 15 25.28 13.52 -51.71
CA ARG A 15 25.88 14.16 -52.87
C ARG A 15 27.37 13.88 -53.02
N ASP A 16 28.07 13.80 -51.88
CA ASP A 16 29.50 13.61 -51.88
C ASP A 16 29.95 12.21 -51.47
N ALA A 17 29.04 11.26 -51.45
CA ALA A 17 29.40 9.90 -51.08
C ALA A 17 30.67 9.35 -51.76
N LEU A 18 30.80 9.49 -53.08
CA LEU A 18 31.97 8.93 -53.78
C LEU A 18 33.25 9.77 -53.72
N LYS A 19 33.20 10.84 -52.92
CA LYS A 19 34.32 11.76 -52.72
C LYS A 19 34.82 11.62 -51.29
N LYS A 20 34.17 10.76 -50.51
CA LYS A 20 34.54 10.61 -49.12
C LYS A 20 36.00 10.27 -48.86
N ASN A 21 36.52 9.26 -49.53
CA ASN A 21 37.91 8.88 -49.32
C ASN A 21 38.86 9.99 -49.77
N GLU A 22 38.48 10.65 -50.85
CA GLU A 22 39.29 11.72 -51.41
C GLU A 22 39.32 12.93 -50.50
N LEU A 23 38.15 13.31 -49.96
CA LEU A 23 38.04 14.45 -49.07
C LEU A 23 38.72 14.14 -47.75
N LEU A 24 38.71 12.87 -47.34
CA LEU A 24 39.37 12.50 -46.09
C LEU A 24 40.87 12.64 -46.23
N SER A 25 41.38 12.23 -47.37
CA SER A 25 42.81 12.34 -47.59
C SER A 25 43.20 13.84 -47.52
N GLU A 26 42.56 14.68 -48.33
CA GLU A 26 42.83 16.11 -48.30
C GLU A 26 42.75 16.65 -46.86
N ALA A 27 41.67 16.31 -46.15
CA ALA A 27 41.46 16.78 -44.79
C ALA A 27 42.59 16.40 -43.83
N GLN A 28 43.34 15.36 -44.18
CA GLN A 28 44.41 14.90 -43.29
C GLN A 28 45.80 15.21 -43.77
N SER A 29 45.91 16.05 -44.79
CA SER A 29 47.20 16.45 -45.35
C SER A 29 47.91 17.47 -44.45
N SER A 30 49.23 17.35 -44.36
CA SER A 30 50.00 18.25 -43.51
C SER A 30 49.76 19.72 -43.88
N ASP A 31 49.59 19.98 -45.16
CA ASP A 31 49.42 21.35 -45.64
C ASP A 31 48.16 22.15 -45.29
N ILE A 32 46.99 21.52 -45.42
CA ILE A 32 45.71 22.20 -45.21
C ILE A 32 45.45 22.93 -43.90
N LEU A 33 44.84 24.11 -43.99
CA LEU A 33 44.51 24.89 -42.81
C LEU A 33 43.37 24.18 -42.07
N VAL A 34 43.50 24.06 -40.76
CA VAL A 34 42.50 23.37 -39.95
C VAL A 34 41.75 24.18 -38.89
N TRP A 35 40.44 24.06 -38.88
CA TRP A 35 39.63 24.75 -37.89
C TRP A 35 38.78 23.74 -37.13
N ASN A 36 38.88 23.75 -35.81
CA ASN A 36 38.11 22.83 -35.00
C ASN A 36 36.78 23.44 -34.64
N LEU A 37 35.71 22.85 -35.14
CA LEU A 37 34.36 23.33 -34.91
C LEU A 37 33.97 23.48 -33.43
N THR A 38 33.20 24.52 -33.13
CA THR A 38 32.71 24.74 -31.79
C THR A 38 31.41 23.93 -31.71
N PRO A 39 30.86 23.76 -30.49
CA PRO A 39 29.63 23.00 -30.33
C PRO A 39 28.46 23.53 -31.14
N ARG A 40 28.26 24.84 -31.17
CA ARG A 40 27.12 25.31 -31.94
C ARG A 40 27.31 25.04 -33.42
N GLN A 41 28.57 25.18 -33.86
CA GLN A 41 28.96 24.97 -35.24
C GLN A 41 28.76 23.51 -35.65
N LEU A 42 28.97 22.59 -34.71
CA LEU A 42 28.76 21.18 -35.00
C LEU A 42 27.28 20.96 -35.21
N CYS A 43 26.46 21.65 -34.43
CA CYS A 43 25.03 21.53 -34.57
C CYS A 43 24.64 22.05 -35.95
N ASP A 44 25.12 23.25 -36.28
CA ASP A 44 24.80 23.88 -37.56
C ASP A 44 25.37 23.12 -38.75
N ILE A 45 26.61 22.64 -38.65
CA ILE A 45 27.20 21.91 -39.77
C ILE A 45 26.46 20.60 -40.08
N GLU A 46 25.88 19.95 -39.06
CA GLU A 46 25.15 18.72 -39.27
C GLU A 46 23.87 19.01 -40.03
N LEU A 47 23.22 20.12 -39.70
CA LEU A 47 21.97 20.49 -40.37
C LEU A 47 22.23 20.96 -41.81
N ILE A 48 23.43 21.47 -42.06
CA ILE A 48 23.75 21.91 -43.41
C ILE A 48 24.11 20.68 -44.21
N LEU A 49 25.02 19.88 -43.68
CA LEU A 49 25.44 18.66 -44.37
C LEU A 49 24.32 17.63 -44.63
N ASN A 50 23.28 17.58 -43.80
CA ASN A 50 22.23 16.59 -44.04
C ASN A 50 21.01 17.10 -44.79
N GLY A 51 21.04 18.38 -45.15
CA GLY A 51 19.92 18.95 -45.88
C GLY A 51 18.82 19.57 -45.02
N GLY A 52 18.98 19.53 -43.70
CA GLY A 52 17.98 20.13 -42.83
C GLY A 52 17.86 21.62 -43.09
N PHE A 53 18.96 22.24 -43.53
CA PHE A 53 18.96 23.67 -43.81
C PHE A 53 18.83 24.01 -45.30
N SER A 54 18.31 23.10 -46.11
CA SER A 54 18.15 23.35 -47.54
C SER A 54 17.44 24.70 -47.67
N PRO A 55 17.82 25.55 -48.64
CA PRO A 55 18.85 25.40 -49.67
C PRO A 55 20.32 25.61 -49.30
N LEU A 56 20.61 25.89 -48.04
CA LEU A 56 22.00 26.13 -47.65
C LEU A 56 22.93 24.96 -47.99
N THR A 57 24.12 25.28 -48.50
CA THR A 57 25.13 24.27 -48.83
C THR A 57 26.45 24.68 -48.18
N GLY A 58 26.37 25.52 -47.16
CA GLY A 58 27.57 25.98 -46.47
C GLY A 58 27.21 27.11 -45.53
N PHE A 59 28.22 27.79 -44.99
CA PHE A 59 27.98 28.91 -44.10
C PHE A 59 27.91 30.19 -44.92
N LEU A 60 26.95 31.05 -44.56
CA LEU A 60 26.71 32.28 -45.31
C LEU A 60 27.85 33.27 -45.57
N ASN A 61 27.91 33.78 -46.80
CA ASN A 61 28.88 34.80 -47.16
C ASN A 61 28.28 36.15 -46.74
N GLU A 62 29.10 37.19 -46.67
CA GLU A 62 28.63 38.49 -46.23
C GLU A 62 27.34 38.89 -46.95
N ASN A 63 27.30 38.54 -48.23
CA ASN A 63 26.16 38.88 -49.06
C ASN A 63 24.86 38.28 -48.54
N ASP A 64 24.81 36.97 -48.36
CA ASP A 64 23.62 36.30 -47.84
C ASP A 64 23.35 36.63 -46.39
N TYR A 65 24.42 36.71 -45.60
CA TYR A 65 24.30 37.03 -44.18
C TYR A 65 23.59 38.36 -43.98
N SER A 66 24.06 39.35 -44.71
CA SER A 66 23.51 40.71 -44.65
C SER A 66 22.04 40.70 -45.04
N SER A 67 21.75 40.07 -46.16
CA SER A 67 20.39 40.01 -46.62
C SER A 67 19.53 39.46 -45.49
N VAL A 68 19.89 38.28 -44.97
CA VAL A 68 19.15 37.64 -43.88
C VAL A 68 18.95 38.57 -42.67
N VAL A 69 20.01 39.22 -42.20
CA VAL A 69 19.89 40.11 -41.03
C VAL A 69 18.87 41.24 -41.24
N THR A 70 19.01 41.94 -42.36
CA THR A 70 18.14 43.06 -42.66
C THR A 70 16.86 42.66 -43.40
N ASP A 71 16.87 41.52 -44.08
CA ASP A 71 15.71 41.14 -44.89
C ASP A 71 14.99 39.81 -44.62
N SER A 72 15.46 39.02 -43.66
CA SER A 72 14.81 37.74 -43.37
C SER A 72 14.77 36.86 -44.63
N ARG A 73 15.73 37.09 -45.53
CA ARG A 73 15.85 36.37 -46.79
C ARG A 73 17.30 36.24 -47.24
N LEU A 74 17.58 35.20 -48.01
CA LEU A 74 18.93 35.04 -48.53
C LEU A 74 18.96 36.04 -49.68
N ALA A 75 20.16 36.32 -50.18
CA ALA A 75 20.28 37.29 -51.26
C ALA A 75 19.38 37.01 -52.47
N ASP A 76 19.20 35.74 -52.82
CA ASP A 76 18.36 35.43 -53.96
C ASP A 76 16.87 35.52 -53.67
N GLY A 77 16.51 36.06 -52.52
CA GLY A 77 15.10 36.19 -52.19
C GLY A 77 14.51 35.07 -51.35
N THR A 78 15.13 33.89 -51.32
CA THR A 78 14.60 32.78 -50.55
C THR A 78 14.34 33.14 -49.10
N LEU A 79 13.15 32.82 -48.60
CA LEU A 79 12.84 33.10 -47.20
C LEU A 79 13.81 32.35 -46.28
N TRP A 80 14.44 33.08 -45.34
CA TRP A 80 15.40 32.49 -44.40
C TRP A 80 15.69 33.52 -43.30
N THR A 81 15.30 33.22 -42.07
CA THR A 81 15.44 34.17 -40.96
C THR A 81 16.57 34.10 -39.93
N ILE A 82 17.31 33.00 -39.90
CA ILE A 82 18.38 32.89 -38.92
C ILE A 82 19.73 32.74 -39.59
N PRO A 83 20.63 33.70 -39.38
CA PRO A 83 21.93 33.59 -40.01
C PRO A 83 22.75 32.42 -39.50
N ILE A 84 23.31 31.64 -40.42
CA ILE A 84 24.15 30.51 -40.05
C ILE A 84 25.55 30.76 -40.59
N THR A 85 26.43 31.20 -39.69
CA THR A 85 27.79 31.54 -40.07
C THR A 85 28.88 30.79 -39.32
N LEU A 86 30.08 30.79 -39.88
CA LEU A 86 31.24 30.16 -39.26
C LEU A 86 32.05 31.28 -38.61
N ASP A 87 31.93 31.39 -37.29
CA ASP A 87 32.64 32.41 -36.52
C ASP A 87 34.01 31.93 -35.99
N VAL A 88 35.08 32.64 -36.38
CA VAL A 88 36.45 32.33 -35.96
C VAL A 88 37.11 33.58 -35.34
N ASP A 89 38.32 33.42 -34.81
CA ASP A 89 39.07 34.52 -34.18
C ASP A 89 39.93 35.26 -35.21
N GLU A 90 40.40 36.45 -34.84
CA GLU A 90 41.25 37.27 -35.70
C GLU A 90 42.49 36.51 -36.19
N ALA A 91 43.06 35.69 -35.31
CA ALA A 91 44.26 34.90 -35.64
C ALA A 91 43.99 33.94 -36.77
N PHE A 92 42.84 33.29 -36.73
CA PHE A 92 42.51 32.34 -37.78
C PHE A 92 42.13 33.06 -39.05
N ALA A 93 41.20 34.00 -38.90
CA ALA A 93 40.71 34.79 -40.02
C ALA A 93 41.84 35.37 -40.86
N ASN A 94 42.91 35.77 -40.19
CA ASN A 94 44.06 36.37 -40.87
C ASN A 94 44.86 35.42 -41.73
N GLN A 95 44.67 34.12 -41.55
CA GLN A 95 45.39 33.16 -42.36
C GLN A 95 44.54 32.75 -43.55
N ILE A 96 43.27 33.12 -43.49
CA ILE A 96 42.31 32.78 -44.54
C ILE A 96 42.33 33.74 -45.71
N LYS A 97 42.15 33.19 -46.90
CA LYS A 97 42.11 33.97 -48.12
C LYS A 97 41.03 33.34 -48.99
N PRO A 98 40.31 34.14 -49.78
CA PRO A 98 39.30 33.43 -50.60
C PRO A 98 39.89 32.37 -51.52
N ASP A 99 39.04 31.44 -51.90
CA ASP A 99 39.38 30.31 -52.76
C ASP A 99 40.25 29.30 -52.01
N THR A 100 40.41 29.50 -50.71
CA THR A 100 41.19 28.60 -49.87
C THR A 100 40.30 27.43 -49.42
N ARG A 101 40.93 26.30 -49.09
CA ARG A 101 40.20 25.14 -48.60
C ARG A 101 40.62 24.79 -47.17
N ILE A 102 39.70 25.02 -46.24
CA ILE A 102 39.93 24.75 -44.84
C ILE A 102 39.25 23.43 -44.46
N ALA A 103 39.90 22.66 -43.60
CA ALA A 103 39.34 21.41 -43.13
C ALA A 103 38.68 21.65 -41.75
N LEU A 104 37.39 21.29 -41.66
CA LEU A 104 36.64 21.47 -40.41
C LEU A 104 36.60 20.11 -39.68
N PHE A 105 37.12 20.10 -38.45
CA PHE A 105 37.20 18.91 -37.61
C PHE A 105 36.30 18.97 -36.38
N GLN A 106 36.10 17.81 -35.76
CA GLN A 106 35.33 17.70 -34.52
C GLN A 106 36.34 17.17 -33.49
N ASP A 107 36.34 17.73 -32.30
CA ASP A 107 37.26 17.31 -31.22
C ASP A 107 38.70 17.23 -31.71
N ASP A 108 39.06 18.12 -32.63
CA ASP A 108 40.42 18.15 -33.19
C ASP A 108 40.91 16.82 -33.70
N GLU A 109 40.01 15.94 -34.13
CA GLU A 109 40.45 14.63 -34.56
C GLU A 109 39.64 14.02 -35.69
N ILE A 110 38.34 14.26 -35.67
CA ILE A 110 37.45 13.72 -36.68
C ILE A 110 37.19 14.73 -37.78
N PRO A 111 37.62 14.42 -39.00
CA PRO A 111 37.38 15.38 -40.10
C PRO A 111 35.92 15.33 -40.51
N ILE A 112 35.27 16.50 -40.51
CA ILE A 112 33.86 16.63 -40.85
C ILE A 112 33.55 17.12 -42.26
N ALA A 113 34.29 18.13 -42.70
CA ALA A 113 34.05 18.67 -44.02
C ALA A 113 35.21 19.53 -44.52
N ILE A 114 35.16 19.86 -45.80
CA ILE A 114 36.14 20.75 -46.39
C ILE A 114 35.33 21.99 -46.75
N LEU A 115 35.83 23.15 -46.37
CA LEU A 115 35.17 24.41 -46.66
C LEU A 115 36.00 25.19 -47.68
N THR A 116 35.36 25.59 -48.79
CA THR A 116 36.04 26.39 -49.81
C THR A 116 35.60 27.81 -49.48
N VAL A 117 36.53 28.62 -48.99
CA VAL A 117 36.23 29.97 -48.57
C VAL A 117 35.80 30.95 -49.67
N GLN A 118 34.80 31.77 -49.37
CA GLN A 118 34.32 32.77 -50.32
C GLN A 118 34.66 34.18 -49.82
N ASP A 119 34.75 34.33 -48.51
CA ASP A 119 35.11 35.62 -47.95
C ASP A 119 35.26 35.47 -46.47
N VAL A 120 35.86 36.50 -45.87
CA VAL A 120 36.10 36.58 -44.43
C VAL A 120 35.70 38.00 -44.12
N TYR A 121 34.83 38.20 -43.13
CA TYR A 121 34.37 39.54 -42.79
C TYR A 121 34.11 39.72 -41.32
N LYS A 122 34.15 40.96 -40.87
CA LYS A 122 33.91 41.27 -39.47
C LYS A 122 32.51 41.88 -39.41
N PRO A 123 31.54 41.07 -38.99
CA PRO A 123 30.18 41.60 -38.92
C PRO A 123 29.96 42.59 -37.79
N ASN A 124 28.97 43.45 -37.96
CA ASN A 124 28.58 44.40 -36.94
C ASN A 124 27.63 43.59 -36.04
N LYS A 125 28.14 43.11 -34.91
CA LYS A 125 27.32 42.33 -34.00
C LYS A 125 26.15 43.10 -33.37
N THR A 126 26.24 44.41 -33.35
CA THR A 126 25.17 45.23 -32.79
C THR A 126 23.94 45.21 -33.68
N ILE A 127 24.17 45.31 -34.98
CA ILE A 127 23.06 45.27 -35.93
C ILE A 127 22.40 43.89 -35.88
N GLU A 128 23.24 42.85 -35.91
CA GLU A 128 22.73 41.48 -35.87
C GLU A 128 21.89 41.25 -34.62
N ALA A 129 22.34 41.77 -33.48
CA ALA A 129 21.61 41.60 -32.23
C ALA A 129 20.29 42.34 -32.26
N GLU A 130 20.31 43.52 -32.88
CA GLU A 130 19.11 44.34 -32.96
C GLU A 130 18.13 43.78 -33.98
N ARG A 131 18.57 43.59 -35.22
CA ARG A 131 17.66 43.09 -36.26
C ARG A 131 17.19 41.65 -36.13
N VAL A 132 18.10 40.74 -35.82
CA VAL A 132 17.74 39.34 -35.70
C VAL A 132 17.20 38.93 -34.32
N PHE A 133 17.78 39.46 -33.24
CA PHE A 133 17.34 39.04 -31.91
C PHE A 133 16.66 40.10 -31.01
N ARG A 134 16.26 41.20 -31.63
CA ARG A 134 15.56 42.29 -30.93
C ARG A 134 16.32 43.11 -29.87
N GLY A 135 17.65 43.12 -29.95
CA GLY A 135 18.45 43.95 -29.04
C GLY A 135 18.63 43.79 -27.53
N ASP A 136 17.79 43.05 -26.83
CA ASP A 136 17.99 42.94 -25.38
C ASP A 136 19.27 42.15 -25.11
N PRO A 137 20.19 42.76 -24.37
CA PRO A 137 21.46 42.10 -24.03
C PRO A 137 21.35 40.84 -23.20
N GLU A 138 20.17 40.58 -22.66
CA GLU A 138 20.00 39.37 -21.85
C GLU A 138 19.49 38.20 -22.69
N HIS A 139 19.12 38.50 -23.93
CA HIS A 139 18.64 37.49 -24.86
C HIS A 139 19.78 36.49 -25.07
N PRO A 140 19.52 35.20 -24.87
CA PRO A 140 20.55 34.15 -25.03
C PRO A 140 21.34 34.28 -26.35
N ALA A 141 20.62 34.54 -27.44
CA ALA A 141 21.29 34.68 -28.71
C ALA A 141 22.28 35.84 -28.70
N ILE A 142 21.90 36.95 -28.07
CA ILE A 142 22.77 38.12 -28.03
C ILE A 142 23.95 37.92 -27.08
N SER A 143 23.68 37.28 -25.95
CA SER A 143 24.73 37.00 -24.99
C SER A 143 25.76 36.07 -25.65
N TYR A 144 25.27 35.07 -26.37
CA TYR A 144 26.15 34.13 -27.07
C TYR A 144 26.94 34.90 -28.11
N LEU A 145 26.22 35.67 -28.92
CA LEU A 145 26.81 36.45 -30.00
C LEU A 145 27.98 37.31 -29.54
N PHE A 146 27.84 37.88 -28.35
CA PHE A 146 28.87 38.74 -27.78
C PHE A 146 29.93 38.10 -26.90
N ASN A 147 29.58 37.05 -26.19
CA ASN A 147 30.57 36.45 -25.30
C ASN A 147 31.22 35.15 -25.74
N VAL A 148 30.67 34.49 -26.76
CA VAL A 148 31.21 33.22 -27.23
C VAL A 148 31.59 33.21 -28.70
N ALA A 149 30.69 33.66 -29.56
CA ALA A 149 30.93 33.67 -31.00
C ALA A 149 32.17 34.46 -31.42
N GLY A 150 32.89 33.95 -32.43
CA GLY A 150 34.07 34.61 -32.96
C GLY A 150 33.69 35.96 -33.55
N ASP A 151 34.66 36.85 -33.67
CA ASP A 151 34.38 38.19 -34.22
C ASP A 151 34.48 38.27 -35.72
N TYR A 152 34.87 37.17 -36.35
CA TYR A 152 35.00 37.11 -37.80
C TYR A 152 34.16 35.98 -38.38
N TYR A 153 33.52 36.23 -39.50
CA TYR A 153 32.71 35.20 -40.13
C TYR A 153 33.42 34.72 -41.37
N VAL A 154 33.27 33.44 -41.68
CA VAL A 154 33.88 32.88 -42.86
C VAL A 154 32.79 32.23 -43.73
N GLY A 155 32.46 32.87 -44.85
CA GLY A 155 31.46 32.30 -45.73
C GLY A 155 32.12 31.35 -46.72
N GLY A 156 31.43 30.28 -47.11
CA GLY A 156 32.00 29.36 -48.05
C GLY A 156 31.11 28.14 -48.24
N SER A 157 31.34 27.39 -49.31
CA SER A 157 30.55 26.20 -49.61
C SER A 157 31.20 24.97 -48.97
N LEU A 158 30.39 23.98 -48.66
CA LEU A 158 30.88 22.77 -48.01
C LEU A 158 30.85 21.51 -48.86
N GLU A 159 31.75 20.61 -48.50
CA GLU A 159 31.85 19.29 -49.09
C GLU A 159 31.89 18.40 -47.86
N ALA A 160 30.91 17.52 -47.78
CA ALA A 160 30.75 16.62 -46.66
C ALA A 160 31.70 15.45 -46.57
N ILE A 161 32.22 15.20 -45.37
CA ILE A 161 33.06 14.03 -45.17
C ILE A 161 32.20 13.08 -44.31
N GLN A 162 31.54 13.62 -43.28
CA GLN A 162 30.63 12.83 -42.40
C GLN A 162 29.93 13.77 -41.43
N LEU A 163 28.75 13.37 -40.95
CA LEU A 163 28.04 14.20 -39.97
C LEU A 163 28.76 14.08 -38.65
N PRO A 164 28.64 15.08 -37.78
CA PRO A 164 29.30 15.03 -36.47
C PRO A 164 29.00 13.71 -35.74
N GLN A 165 29.94 13.27 -34.93
CA GLN A 165 29.82 12.00 -34.21
C GLN A 165 28.98 12.13 -32.94
N HIS A 166 28.12 11.14 -32.72
CA HIS A 166 27.28 11.09 -31.55
C HIS A 166 27.23 9.63 -31.11
N TYR A 167 27.58 9.35 -29.86
CA TYR A 167 27.51 7.97 -29.43
C TYR A 167 26.22 7.67 -28.64
N ASP A 168 25.47 8.70 -28.26
CA ASP A 168 24.19 8.52 -27.57
C ASP A 168 23.07 8.55 -28.60
N TYR A 169 22.08 7.67 -28.43
CA TYR A 169 20.91 7.55 -29.31
C TYR A 169 21.21 7.32 -30.79
N PRO A 170 22.13 6.39 -31.08
CA PRO A 170 22.58 6.00 -32.41
C PRO A 170 21.53 5.96 -33.53
N GLY A 171 20.36 5.40 -33.28
CA GLY A 171 19.40 5.35 -34.34
C GLY A 171 18.31 6.41 -34.29
N LEU A 172 18.34 7.27 -33.29
CA LEU A 172 17.29 8.25 -33.15
C LEU A 172 17.45 9.58 -33.88
N ARG A 173 18.66 9.92 -34.28
CA ARG A 173 18.86 11.18 -34.96
C ARG A 173 18.65 10.92 -36.45
N LYS A 174 17.39 10.91 -36.87
CA LYS A 174 17.09 10.68 -38.26
C LYS A 174 17.41 11.90 -39.10
N THR A 175 18.05 11.67 -40.24
CA THR A 175 18.37 12.74 -41.16
C THR A 175 17.09 12.95 -42.00
N PRO A 176 16.97 14.11 -42.67
CA PRO A 176 15.78 14.37 -43.48
C PRO A 176 15.47 13.22 -44.44
N ALA A 177 16.51 12.69 -45.07
CA ALA A 177 16.30 11.58 -46.00
C ALA A 177 15.82 10.31 -45.27
N GLN A 178 16.38 10.03 -44.10
CA GLN A 178 15.98 8.86 -43.31
C GLN A 178 14.54 9.00 -42.79
N LEU A 179 14.16 10.17 -42.25
CA LEU A 179 12.80 10.34 -41.75
C LEU A 179 11.81 10.18 -42.89
N ARG A 180 12.13 10.83 -44.01
CA ARG A 180 11.26 10.75 -45.18
C ARG A 180 11.05 9.29 -45.54
N LEU A 181 12.06 8.45 -45.28
CA LEU A 181 11.93 7.02 -45.58
C LEU A 181 11.08 6.34 -44.51
N GLU A 182 11.28 6.75 -43.26
CA GLU A 182 10.51 6.19 -42.16
C GLU A 182 9.04 6.45 -42.43
N PHE A 183 8.72 7.67 -42.84
CA PHE A 183 7.32 7.99 -43.13
C PHE A 183 6.77 7.14 -44.28
N GLN A 184 7.52 7.08 -45.38
CA GLN A 184 7.11 6.32 -46.57
C GLN A 184 6.84 4.86 -46.29
N SER A 185 7.73 4.23 -45.52
CA SER A 185 7.56 2.82 -45.21
C SER A 185 6.25 2.57 -44.47
N ARG A 186 5.74 3.60 -43.82
CA ARG A 186 4.49 3.50 -43.08
C ARG A 186 3.32 4.07 -43.87
N GLN A 187 3.61 4.62 -45.05
CA GLN A 187 2.56 5.21 -45.86
C GLN A 187 1.99 6.47 -45.23
N TRP A 188 2.80 7.13 -44.41
CA TRP A 188 2.37 8.36 -43.78
C TRP A 188 2.56 9.48 -44.79
N ASP A 189 1.47 10.10 -45.24
CA ASP A 189 1.58 11.19 -46.21
C ASP A 189 1.16 12.54 -45.64
N ARG A 190 0.81 12.55 -44.36
CA ARG A 190 0.42 13.78 -43.65
C ARG A 190 1.03 13.63 -42.24
N VAL A 191 2.00 14.48 -41.92
CA VAL A 191 2.63 14.38 -40.62
C VAL A 191 2.76 15.76 -39.99
N VAL A 192 2.21 15.93 -38.79
CA VAL A 192 2.34 17.22 -38.12
C VAL A 192 3.48 17.10 -37.12
N ALA A 193 4.42 18.03 -37.21
CA ALA A 193 5.58 18.03 -36.35
C ALA A 193 5.46 18.91 -35.12
N PHE A 194 6.01 18.40 -34.01
CA PHE A 194 6.01 19.11 -32.74
C PHE A 194 7.44 19.39 -32.30
N GLN A 195 7.76 20.66 -32.21
CA GLN A 195 9.07 21.13 -31.77
C GLN A 195 9.05 21.20 -30.25
N THR A 196 10.20 20.99 -29.63
CA THR A 196 10.29 21.09 -28.17
C THR A 196 11.69 20.97 -27.62
N ARG A 197 11.94 21.75 -26.57
CA ARG A 197 13.22 21.75 -25.86
C ARG A 197 12.96 21.57 -24.37
N ASN A 198 11.72 21.19 -24.03
CA ASN A 198 11.30 20.97 -22.64
C ASN A 198 10.65 19.63 -22.43
N PRO A 199 10.49 19.21 -21.17
CA PRO A 199 9.85 17.90 -21.04
C PRO A 199 8.41 18.09 -21.46
N MET A 200 7.74 17.02 -21.85
CA MET A 200 6.36 17.11 -22.25
C MET A 200 5.47 16.66 -21.11
N HIS A 201 4.40 17.40 -20.90
CA HIS A 201 3.42 17.07 -19.87
C HIS A 201 2.05 16.86 -20.53
N ARG A 202 1.05 16.55 -19.72
CA ARG A 202 -0.32 16.36 -20.19
C ARG A 202 -0.74 17.35 -21.27
N ALA A 203 -0.50 18.64 -21.04
CA ALA A 203 -0.90 19.66 -22.00
C ALA A 203 -0.35 19.38 -23.41
N HIS A 204 0.92 19.06 -23.47
CA HIS A 204 1.58 18.78 -24.72
C HIS A 204 1.00 17.58 -25.45
N ARG A 205 0.77 16.49 -24.71
CA ARG A 205 0.18 15.28 -25.28
C ARG A 205 -1.15 15.68 -25.88
N GLU A 206 -1.93 16.43 -25.11
CA GLU A 206 -3.24 16.83 -25.56
C GLU A 206 -3.25 17.70 -26.80
N LEU A 207 -2.34 18.67 -26.87
CA LEU A 207 -2.34 19.54 -28.03
C LEU A 207 -1.80 18.82 -29.27
N THR A 208 -0.80 17.95 -29.12
CA THR A 208 -0.28 17.23 -30.28
C THR A 208 -1.36 16.31 -30.85
N VAL A 209 -2.14 15.68 -29.98
CA VAL A 209 -3.20 14.79 -30.46
C VAL A 209 -4.30 15.60 -31.13
N ARG A 210 -4.67 16.73 -30.55
CA ARG A 210 -5.67 17.59 -31.18
C ARG A 210 -5.15 17.96 -32.58
N ALA A 211 -3.87 18.35 -32.67
CA ALA A 211 -3.27 18.71 -33.94
C ALA A 211 -3.39 17.54 -34.92
N ALA A 212 -3.16 16.34 -34.42
CA ALA A 212 -3.24 15.16 -35.26
C ALA A 212 -4.66 15.00 -35.81
N ARG A 213 -5.63 15.25 -34.94
CA ARG A 213 -7.02 15.11 -35.30
C ARG A 213 -7.52 16.18 -36.29
N GLU A 214 -7.20 17.44 -36.02
CA GLU A 214 -7.64 18.52 -36.88
C GLU A 214 -6.96 18.38 -38.25
N ALA A 215 -5.66 18.09 -38.27
CA ALA A 215 -4.95 18.01 -39.53
C ALA A 215 -5.02 16.65 -40.18
N ASN A 216 -5.62 15.69 -39.49
CA ASN A 216 -5.67 14.35 -40.03
C ASN A 216 -4.29 13.89 -40.42
N ALA A 217 -3.37 13.99 -39.49
CA ALA A 217 -1.99 13.61 -39.73
C ALA A 217 -1.42 12.78 -38.58
N LYS A 218 -0.37 12.06 -38.88
CA LYS A 218 0.31 11.25 -37.88
C LYS A 218 1.16 12.23 -37.06
N VAL A 219 1.68 11.79 -35.92
CA VAL A 219 2.45 12.71 -35.10
C VAL A 219 3.97 12.52 -35.12
N LEU A 220 4.71 13.62 -35.27
CA LEU A 220 6.18 13.55 -35.22
C LEU A 220 6.68 14.36 -34.02
N ILE A 221 7.09 13.67 -32.95
CA ILE A 221 7.67 14.35 -31.80
C ILE A 221 9.12 14.57 -32.29
N HIS A 222 9.51 15.83 -32.45
CA HIS A 222 10.83 16.20 -32.98
C HIS A 222 11.62 17.13 -32.03
N PRO A 223 12.01 16.62 -30.85
CA PRO A 223 12.75 17.47 -29.91
C PRO A 223 14.17 17.83 -30.29
N VAL A 224 14.59 19.02 -29.84
CA VAL A 224 15.93 19.50 -30.05
C VAL A 224 16.90 18.88 -29.02
N VAL A 225 17.98 18.27 -29.54
CA VAL A 225 18.99 17.65 -28.68
C VAL A 225 20.37 18.32 -28.87
N GLY A 226 20.39 19.40 -29.65
CA GLY A 226 21.61 20.18 -29.85
C GLY A 226 21.52 21.28 -28.78
N LEU A 227 22.07 22.44 -29.02
CA LEU A 227 21.99 23.51 -28.02
C LEU A 227 20.60 24.16 -27.93
N THR A 228 20.14 24.38 -26.70
CA THR A 228 18.85 25.05 -26.48
C THR A 228 19.10 26.21 -25.51
N LYS A 229 18.14 26.49 -24.64
CA LYS A 229 18.31 27.60 -23.72
C LYS A 229 19.20 27.22 -22.52
N PRO A 230 20.04 28.17 -22.06
CA PRO A 230 20.91 27.87 -20.92
C PRO A 230 20.00 27.62 -19.73
N GLY A 231 20.18 26.51 -19.02
CA GLY A 231 19.34 26.20 -17.88
C GLY A 231 18.23 25.21 -18.18
N ASP A 232 18.15 24.70 -19.41
CA ASP A 232 17.11 23.74 -19.73
C ASP A 232 17.44 22.39 -19.13
N ILE A 233 16.45 21.49 -19.10
CA ILE A 233 16.68 20.14 -18.59
C ILE A 233 17.57 19.48 -19.64
N ASP A 234 18.65 18.82 -19.20
CA ASP A 234 19.56 18.17 -20.15
C ASP A 234 18.79 17.32 -21.16
N HIS A 235 19.36 17.14 -22.35
CA HIS A 235 18.69 16.38 -23.40
C HIS A 235 18.56 14.89 -23.11
N HIS A 236 19.46 14.32 -22.33
CA HIS A 236 19.40 12.89 -22.01
C HIS A 236 18.15 12.66 -21.17
N THR A 237 17.95 13.53 -20.19
CA THR A 237 16.76 13.45 -19.35
C THR A 237 15.49 13.66 -20.20
N ARG A 238 15.50 14.70 -21.04
CA ARG A 238 14.35 14.98 -21.89
C ARG A 238 14.06 13.82 -22.85
N VAL A 239 15.09 13.16 -23.33
CA VAL A 239 14.87 12.02 -24.21
C VAL A 239 14.12 10.90 -23.48
N ARG A 240 14.52 10.62 -22.24
CA ARG A 240 13.85 9.58 -21.46
C ARG A 240 12.41 10.03 -21.28
N VAL A 241 12.22 11.31 -21.00
CA VAL A 241 10.86 11.80 -20.85
C VAL A 241 10.05 11.58 -22.14
N TYR A 242 10.61 11.93 -23.29
CA TYR A 242 9.90 11.77 -24.56
C TYR A 242 9.61 10.30 -24.82
N GLN A 243 10.59 9.44 -24.57
CA GLN A 243 10.39 8.01 -24.80
C GLN A 243 9.26 7.41 -23.93
N GLU A 244 9.06 7.99 -22.76
CA GLU A 244 8.03 7.51 -21.86
C GLU A 244 6.66 8.02 -22.31
N ILE A 245 6.60 9.31 -22.66
CA ILE A 245 5.34 9.92 -23.07
C ILE A 245 4.83 9.41 -24.42
N ILE A 246 5.75 8.95 -25.28
CA ILE A 246 5.36 8.45 -26.60
C ILE A 246 4.43 7.26 -26.38
N LYS A 247 4.62 6.54 -25.29
CA LYS A 247 3.79 5.39 -24.99
C LYS A 247 2.35 5.77 -24.61
N ARG A 248 2.10 7.06 -24.31
CA ARG A 248 0.75 7.49 -23.93
C ARG A 248 -0.07 7.92 -25.15
N TYR A 249 0.45 7.65 -26.33
CA TYR A 249 -0.28 8.01 -27.54
C TYR A 249 -0.89 6.73 -28.06
N PRO A 250 -1.99 6.82 -28.77
CA PRO A 250 -2.57 5.58 -29.29
C PRO A 250 -1.54 4.86 -30.19
N ASN A 251 -1.46 3.56 -30.08
CA ASN A 251 -0.48 2.81 -30.85
C ASN A 251 -0.45 3.14 -32.33
N GLY A 252 0.74 3.45 -32.83
CA GLY A 252 0.92 3.75 -34.23
C GLY A 252 0.61 5.15 -34.72
N ILE A 253 0.37 6.07 -33.80
CA ILE A 253 0.06 7.42 -34.24
C ILE A 253 1.25 8.39 -34.22
N ALA A 254 2.27 8.06 -33.42
CA ALA A 254 3.43 8.94 -33.29
C ALA A 254 4.82 8.34 -33.58
N PHE A 255 5.75 9.18 -33.98
CA PHE A 255 7.12 8.78 -34.27
C PHE A 255 8.05 9.74 -33.54
N LEU A 256 9.11 9.21 -32.98
CA LEU A 256 10.05 10.04 -32.26
C LEU A 256 11.35 10.18 -33.07
N SER A 257 11.81 11.40 -33.26
CA SER A 257 13.06 11.64 -33.99
C SER A 257 13.75 12.84 -33.36
N LEU A 258 15.03 12.69 -33.05
CA LEU A 258 15.77 13.77 -32.42
C LEU A 258 16.34 14.73 -33.45
N LEU A 259 16.35 16.01 -33.11
CA LEU A 259 16.87 17.03 -34.01
C LEU A 259 18.08 17.71 -33.37
N PRO A 260 19.27 17.54 -33.97
CA PRO A 260 20.51 18.14 -33.48
C PRO A 260 20.63 19.60 -33.83
N LEU A 261 19.52 20.31 -33.64
CA LEU A 261 19.48 21.71 -33.92
C LEU A 261 20.08 22.50 -32.77
N ALA A 262 20.63 23.67 -33.08
CA ALA A 262 21.16 24.60 -32.10
C ALA A 262 20.17 25.75 -32.18
N MET A 263 19.30 25.87 -31.19
CA MET A 263 18.31 26.95 -31.22
C MET A 263 18.99 28.26 -30.92
N ARG A 264 18.33 29.36 -31.27
CA ARG A 264 18.85 30.69 -30.98
C ARG A 264 17.87 31.37 -30.03
N MET A 265 16.79 30.66 -29.69
CA MET A 265 15.74 31.18 -28.82
C MET A 265 15.30 32.53 -29.40
N SER A 266 15.17 32.59 -30.73
CA SER A 266 14.77 33.82 -31.40
C SER A 266 13.31 33.82 -31.82
N GLY A 267 12.46 33.51 -30.85
CA GLY A 267 11.03 33.50 -31.05
C GLY A 267 10.44 33.46 -32.45
N ASP A 268 9.83 34.57 -32.86
CA ASP A 268 9.17 34.60 -34.14
C ASP A 268 10.06 34.26 -35.33
N ARG A 269 11.27 34.80 -35.37
CA ARG A 269 12.15 34.47 -36.48
C ARG A 269 12.54 32.99 -36.43
N GLU A 270 12.73 32.47 -35.22
CA GLU A 270 13.10 31.08 -35.09
C GLU A 270 11.95 30.17 -35.55
N ALA A 271 10.72 30.60 -35.28
CA ALA A 271 9.52 29.85 -35.62
C ALA A 271 9.43 29.55 -37.11
N VAL A 272 9.71 30.56 -37.92
CA VAL A 272 9.67 30.45 -39.37
C VAL A 272 10.74 29.45 -39.76
N TRP A 273 11.92 29.66 -39.20
CA TRP A 273 13.10 28.82 -39.40
C TRP A 273 12.77 27.36 -39.09
N HIS A 274 12.08 27.15 -37.96
CA HIS A 274 11.67 25.80 -37.57
C HIS A 274 10.72 25.24 -38.63
N ALA A 275 9.83 26.07 -39.16
CA ALA A 275 8.89 25.57 -40.16
C ALA A 275 9.65 25.08 -41.39
N ILE A 276 10.59 25.89 -41.85
CA ILE A 276 11.41 25.55 -43.01
C ILE A 276 12.16 24.25 -42.72
N ILE A 277 12.72 24.15 -41.52
CA ILE A 277 13.45 22.95 -41.14
C ILE A 277 12.58 21.69 -41.13
N ARG A 278 11.42 21.78 -40.49
CA ARG A 278 10.55 20.63 -40.46
C ARG A 278 10.05 20.24 -41.84
N LYS A 279 9.89 21.25 -42.71
CA LYS A 279 9.43 20.97 -44.06
C LYS A 279 10.52 20.12 -44.69
N ASN A 280 11.77 20.56 -44.53
CA ASN A 280 12.91 19.83 -45.07
C ASN A 280 12.97 18.40 -44.57
N TYR A 281 12.55 18.15 -43.32
CA TYR A 281 12.57 16.81 -42.75
C TYR A 281 11.37 15.93 -43.13
N GLY A 282 10.48 16.47 -43.99
CA GLY A 282 9.33 15.69 -44.43
C GLY A 282 7.97 15.91 -43.79
N ALA A 283 7.87 16.85 -42.86
CA ALA A 283 6.57 17.13 -42.23
C ALA A 283 5.72 18.00 -43.16
N SER A 284 4.41 17.77 -43.13
CA SER A 284 3.44 18.53 -43.93
C SER A 284 2.77 19.62 -43.09
N HIS A 285 2.85 19.47 -41.77
CA HIS A 285 2.29 20.41 -40.81
C HIS A 285 3.25 20.64 -39.65
N PHE A 286 3.21 21.86 -39.12
CA PHE A 286 4.06 22.26 -38.00
C PHE A 286 3.26 23.05 -36.97
N ILE A 287 3.32 22.58 -35.73
CA ILE A 287 2.64 23.19 -34.60
C ILE A 287 3.42 24.41 -34.14
N VAL A 288 2.72 25.51 -33.84
CA VAL A 288 3.34 26.72 -33.31
C VAL A 288 2.42 27.13 -32.16
N GLY A 289 2.88 26.96 -30.92
CA GLY A 289 2.05 27.28 -29.76
C GLY A 289 2.35 28.64 -29.21
N ARG A 290 2.12 28.83 -27.90
CA ARG A 290 2.36 30.12 -27.23
C ARG A 290 3.84 30.37 -27.02
N ASP A 291 4.28 31.61 -27.26
CA ASP A 291 5.67 32.02 -27.12
C ASP A 291 6.69 31.03 -27.70
N HIS A 292 6.39 30.53 -28.88
CA HIS A 292 7.25 29.59 -29.60
C HIS A 292 8.71 30.04 -29.66
N ALA A 293 9.59 29.16 -29.20
CA ALA A 293 11.02 29.40 -29.17
C ALA A 293 11.38 30.73 -28.48
N GLY A 294 10.58 31.10 -27.48
CA GLY A 294 10.81 32.34 -26.74
C GLY A 294 11.63 32.17 -25.48
N PRO A 295 12.48 33.13 -25.15
CA PRO A 295 13.23 32.87 -23.92
C PRO A 295 12.55 33.46 -22.67
N GLY A 296 11.32 33.93 -22.80
CA GLY A 296 10.61 34.47 -21.66
C GLY A 296 10.71 35.96 -21.40
N LYS A 297 11.10 36.30 -20.17
CA LYS A 297 11.27 37.69 -19.75
C LYS A 297 12.70 37.97 -19.32
N ASN A 298 13.09 39.24 -19.44
CA ASN A 298 14.43 39.68 -19.05
C ASN A 298 14.45 39.94 -17.53
N SER A 299 15.35 40.80 -17.08
CA SER A 299 15.49 41.11 -15.64
C SER A 299 14.34 41.95 -15.13
N LYS A 300 13.99 42.98 -15.88
CA LYS A 300 12.91 43.88 -15.50
C LYS A 300 11.53 43.24 -15.67
N GLY A 301 11.51 41.95 -15.95
CA GLY A 301 10.25 41.24 -16.10
C GLY A 301 9.49 41.46 -17.40
N VAL A 302 10.12 42.11 -18.38
CA VAL A 302 9.48 42.35 -19.65
C VAL A 302 9.73 41.17 -20.62
N ASP A 303 8.77 40.94 -21.51
CA ASP A 303 8.81 39.85 -22.48
C ASP A 303 9.77 40.04 -23.65
N PHE A 304 10.50 38.99 -24.00
CA PHE A 304 11.42 39.07 -25.15
C PHE A 304 10.57 39.12 -26.43
N TYR A 305 9.45 38.40 -26.43
CA TYR A 305 8.53 38.36 -27.56
C TYR A 305 7.12 38.36 -27.00
N GLY A 306 6.14 38.72 -27.84
CA GLY A 306 4.76 38.69 -27.40
C GLY A 306 4.40 37.22 -27.51
N PRO A 307 3.55 36.69 -26.63
CA PRO A 307 3.19 35.27 -26.71
C PRO A 307 2.71 34.73 -28.05
N TYR A 308 2.33 35.62 -28.97
CA TYR A 308 1.84 35.13 -30.25
C TYR A 308 2.47 35.78 -31.48
N ASP A 309 3.65 36.37 -31.27
CA ASP A 309 4.39 36.99 -32.38
C ASP A 309 4.80 35.93 -33.40
N ALA A 310 5.31 34.80 -32.90
CA ALA A 310 5.74 33.71 -33.78
C ALA A 310 4.58 33.30 -34.68
N GLN A 311 3.39 33.20 -34.11
CA GLN A 311 2.22 32.84 -34.89
C GLN A 311 1.91 33.89 -35.94
N GLU A 312 2.07 35.15 -35.58
CA GLU A 312 1.78 36.23 -36.51
C GLU A 312 2.78 36.27 -37.66
N LEU A 313 4.06 36.15 -37.34
CA LEU A 313 5.12 36.16 -38.35
C LEU A 313 4.93 34.99 -39.35
N VAL A 314 4.74 33.79 -38.79
CA VAL A 314 4.57 32.57 -39.56
C VAL A 314 3.33 32.69 -40.47
N GLU A 315 2.28 33.31 -39.95
CA GLU A 315 1.07 33.53 -40.71
C GLU A 315 1.36 34.44 -41.89
N SER A 316 2.16 35.49 -41.68
CA SER A 316 2.49 36.45 -42.73
C SER A 316 3.39 35.86 -43.82
N TYR A 317 3.97 34.70 -43.56
CA TYR A 317 4.82 34.03 -44.55
C TYR A 317 4.12 32.75 -45.03
N LYS A 318 2.86 32.58 -44.63
CA LYS A 318 2.07 31.42 -44.99
C LYS A 318 2.25 30.88 -46.43
N HIS A 319 1.99 31.71 -47.44
CA HIS A 319 2.09 31.26 -48.81
C HIS A 319 3.51 30.95 -49.30
N GLU A 320 4.50 31.34 -48.52
CA GLU A 320 5.88 31.09 -48.89
C GLU A 320 6.43 29.81 -48.24
N LEU A 321 6.00 29.55 -47.01
CA LEU A 321 6.45 28.40 -46.25
C LEU A 321 6.21 27.03 -46.89
N ASP A 322 5.05 26.84 -47.49
CA ASP A 322 4.69 25.57 -48.14
C ASP A 322 4.65 24.38 -47.17
N ILE A 323 4.38 24.70 -45.91
CA ILE A 323 4.18 23.72 -44.87
C ILE A 323 3.07 24.34 -44.04
N GLU A 324 2.02 23.56 -43.76
CA GLU A 324 0.87 24.06 -43.03
C GLU A 324 1.07 24.19 -41.51
N VAL A 325 0.94 25.43 -41.03
CA VAL A 325 1.10 25.73 -39.63
C VAL A 325 -0.21 25.48 -38.92
N VAL A 326 -0.12 24.75 -37.81
CA VAL A 326 -1.29 24.46 -36.98
C VAL A 326 -1.03 25.26 -35.70
N PRO A 327 -1.69 26.40 -35.55
CA PRO A 327 -1.51 27.25 -34.37
C PRO A 327 -2.38 26.83 -33.19
N PHE A 328 -1.89 27.11 -32.00
CA PHE A 328 -2.59 26.81 -30.77
C PHE A 328 -2.51 27.98 -29.79
N ARG A 329 -3.62 28.28 -29.14
CA ARG A 329 -3.60 29.33 -28.13
C ARG A 329 -3.20 28.54 -26.89
N MET A 330 -2.93 29.24 -25.80
CA MET A 330 -2.54 28.60 -24.54
C MET A 330 -3.43 27.38 -24.20
N VAL A 331 -2.83 26.21 -24.13
CA VAL A 331 -3.61 25.03 -23.80
C VAL A 331 -3.55 24.87 -22.28
N THR A 332 -4.71 24.87 -21.63
CA THR A 332 -4.74 24.77 -20.17
C THR A 332 -5.65 23.71 -19.59
N TYR A 333 -5.53 23.52 -18.28
CA TYR A 333 -6.32 22.52 -17.58
C TYR A 333 -7.62 23.08 -16.96
N LEU A 334 -8.69 22.31 -17.14
CA LEU A 334 -10.00 22.67 -16.60
C LEU A 334 -10.31 21.63 -15.53
N PRO A 335 -10.02 21.98 -14.27
CA PRO A 335 -10.24 21.13 -13.10
C PRO A 335 -11.59 20.47 -13.10
N ASP A 336 -12.62 21.31 -13.16
CA ASP A 336 -14.00 20.87 -13.11
C ASP A 336 -14.49 19.96 -14.24
N GLU A 337 -13.77 19.90 -15.35
CA GLU A 337 -14.16 19.01 -16.46
C GLU A 337 -13.08 17.93 -16.69
N ASP A 338 -11.97 18.04 -15.94
CA ASP A 338 -10.83 17.11 -16.04
C ASP A 338 -10.39 16.90 -17.50
N ARG A 339 -9.95 17.97 -18.13
CA ARG A 339 -9.50 17.91 -19.50
C ARG A 339 -8.72 19.17 -19.83
N TYR A 340 -7.94 19.12 -20.90
CA TYR A 340 -7.17 20.27 -21.35
C TYR A 340 -7.87 20.87 -22.56
N ALA A 341 -7.62 22.16 -22.80
CA ALA A 341 -8.23 22.82 -23.94
C ALA A 341 -7.56 24.17 -24.20
N PRO A 342 -7.60 24.63 -25.46
CA PRO A 342 -6.99 25.92 -25.76
C PRO A 342 -7.80 26.99 -25.03
N ILE A 343 -7.12 28.00 -24.51
CA ILE A 343 -7.84 29.01 -23.78
C ILE A 343 -8.76 29.84 -24.67
N ASP A 344 -8.49 29.90 -25.97
CA ASP A 344 -9.36 30.67 -26.86
C ASP A 344 -10.76 30.07 -26.98
N GLN A 345 -10.90 28.80 -26.62
CA GLN A 345 -12.21 28.17 -26.72
C GLN A 345 -12.81 27.82 -25.36
N ILE A 346 -12.77 28.76 -24.42
CA ILE A 346 -13.33 28.56 -23.08
C ILE A 346 -13.57 29.85 -22.33
N ASP A 347 -13.06 29.86 -21.10
CA ASP A 347 -13.12 30.95 -20.13
C ASP A 347 -14.49 31.52 -19.83
N THR A 348 -14.90 32.53 -20.61
CA THR A 348 -16.18 33.20 -20.44
C THR A 348 -16.24 33.68 -18.98
N THR A 349 -15.09 33.56 -18.30
CA THR A 349 -14.95 33.94 -16.90
C THR A 349 -15.93 33.11 -16.06
N LYS A 350 -16.42 32.04 -16.67
CA LYS A 350 -17.35 31.15 -16.00
C LYS A 350 -16.75 29.73 -15.96
N THR A 351 -15.55 29.59 -16.51
CA THR A 351 -14.86 28.30 -16.54
C THR A 351 -13.52 28.39 -15.83
N ARG A 352 -13.34 27.56 -14.81
CA ARG A 352 -12.10 27.54 -14.05
C ARG A 352 -10.98 26.84 -14.79
N THR A 353 -9.80 27.43 -14.75
CA THR A 353 -8.62 26.88 -15.39
C THR A 353 -7.48 26.82 -14.36
N LEU A 354 -6.58 25.85 -14.53
CA LEU A 354 -5.42 25.68 -13.64
C LEU A 354 -4.17 25.45 -14.46
N ASN A 355 -3.06 26.00 -13.98
CA ASN A 355 -1.78 25.83 -14.67
C ASN A 355 -0.59 25.86 -13.72
N ILE A 356 0.48 25.15 -14.08
CA ILE A 356 1.70 25.14 -13.28
C ILE A 356 2.84 25.60 -14.17
N SER A 357 3.35 26.80 -13.91
CA SER A 357 4.45 27.33 -14.70
C SER A 357 5.75 26.56 -14.46
N GLY A 358 6.66 26.67 -15.43
CA GLY A 358 7.95 26.00 -15.33
C GLY A 358 8.57 26.37 -14.02
N THR A 359 8.44 27.63 -13.64
CA THR A 359 8.98 28.12 -12.40
C THR A 359 8.35 27.39 -11.22
N GLU A 360 7.04 27.21 -11.26
CA GLU A 360 6.36 26.52 -10.17
C GLU A 360 6.83 25.06 -10.12
N LEU A 361 7.11 24.49 -11.29
CA LEU A 361 7.56 23.10 -11.39
C LEU A 361 8.99 22.91 -10.85
N ARG A 362 9.94 23.72 -11.34
CA ARG A 362 11.32 23.65 -10.88
C ARG A 362 11.27 23.59 -9.37
N ARG A 363 10.58 24.59 -8.81
CA ARG A 363 10.40 24.76 -7.38
C ARG A 363 9.82 23.53 -6.69
N ARG A 364 8.78 22.93 -7.29
CA ARG A 364 8.19 21.74 -6.69
C ARG A 364 9.24 20.63 -6.68
N LEU A 365 10.11 20.64 -7.68
CA LEU A 365 11.16 19.63 -7.80
C LEU A 365 12.30 19.95 -6.82
N ARG A 366 12.55 21.24 -6.62
CA ARG A 366 13.59 21.72 -5.73
C ARG A 366 13.29 21.39 -4.28
N VAL A 367 12.01 21.35 -3.92
CA VAL A 367 11.66 21.04 -2.54
C VAL A 367 11.10 19.64 -2.40
N GLY A 368 10.96 18.94 -3.52
CA GLY A 368 10.44 17.59 -3.45
C GLY A 368 8.95 17.63 -3.23
N GLY A 369 8.35 18.71 -3.70
CA GLY A 369 6.92 18.89 -3.60
C GLY A 369 6.22 17.92 -4.51
N GLU A 370 4.94 17.72 -4.25
CA GLU A 370 4.15 16.80 -5.04
C GLU A 370 3.68 17.49 -6.32
N ILE A 371 3.57 16.69 -7.38
CA ILE A 371 3.14 17.18 -8.67
C ILE A 371 1.80 16.51 -9.01
N PRO A 372 0.79 17.32 -9.31
CA PRO A 372 -0.54 16.83 -9.65
C PRO A 372 -0.53 15.74 -10.72
N GLU A 373 -1.22 14.63 -10.46
CA GLU A 373 -1.31 13.58 -11.47
C GLU A 373 -1.99 14.15 -12.72
N TRP A 374 -2.72 15.26 -12.58
CA TRP A 374 -3.40 15.87 -13.73
C TRP A 374 -2.45 16.71 -14.58
N PHE A 375 -1.36 17.15 -13.97
CA PHE A 375 -0.41 17.98 -14.69
C PHE A 375 0.51 17.20 -15.63
N SER A 376 1.04 16.08 -15.14
CA SER A 376 1.95 15.27 -15.92
C SER A 376 1.84 13.80 -15.51
N TYR A 377 2.30 12.89 -16.37
CA TYR A 377 2.26 11.45 -16.07
C TYR A 377 3.30 11.12 -15.00
N PRO A 378 2.97 10.19 -14.08
CA PRO A 378 3.94 9.84 -13.04
C PRO A 378 5.34 9.41 -13.50
N GLU A 379 5.41 8.53 -14.50
CA GLU A 379 6.70 8.07 -15.00
C GLU A 379 7.57 9.25 -15.45
N VAL A 380 6.93 10.30 -15.98
CA VAL A 380 7.65 11.48 -16.44
C VAL A 380 8.20 12.28 -15.26
N VAL A 381 7.39 12.44 -14.23
CA VAL A 381 7.80 13.16 -13.04
C VAL A 381 8.95 12.40 -12.33
N LYS A 382 8.85 11.07 -12.26
CA LYS A 382 9.90 10.28 -11.62
C LYS A 382 11.23 10.53 -12.31
N ILE A 383 11.20 10.57 -13.63
CA ILE A 383 12.42 10.80 -14.37
C ILE A 383 12.93 12.20 -14.07
N LEU A 384 12.02 13.17 -13.96
CA LEU A 384 12.47 14.52 -13.69
C LEU A 384 13.09 14.68 -12.27
N ARG A 385 12.52 14.00 -11.29
CA ARG A 385 13.05 14.10 -9.93
C ARG A 385 14.44 13.43 -9.85
N GLU A 386 14.63 12.35 -10.59
CA GLU A 386 15.91 11.64 -10.55
C GLU A 386 17.02 12.51 -11.09
N SER A 387 16.72 13.32 -12.09
CA SER A 387 17.74 14.18 -12.68
C SER A 387 17.85 15.56 -12.05
N ASN A 388 16.77 16.01 -11.42
CA ASN A 388 16.79 17.31 -10.74
C ASN A 388 16.16 17.03 -9.41
N PRO A 389 16.92 16.38 -8.52
CA PRO A 389 16.51 16.00 -7.18
C PRO A 389 16.29 17.12 -6.20
N PRO A 390 15.48 16.84 -5.18
CA PRO A 390 15.18 17.81 -4.12
C PRO A 390 16.43 18.18 -3.29
N ARG A 391 16.36 19.30 -2.58
CA ARG A 391 17.47 19.77 -1.77
C ARG A 391 18.07 18.73 -0.83
N PRO A 392 17.23 17.93 -0.18
CA PRO A 392 17.94 16.98 0.69
C PRO A 392 18.85 16.00 -0.05
N LYS A 393 18.74 15.95 -1.37
CA LYS A 393 19.57 15.03 -2.17
C LYS A 393 20.58 15.80 -3.02
N GLN A 394 20.58 17.13 -2.87
CA GLN A 394 21.47 18.00 -3.62
C GLN A 394 22.80 18.23 -2.92
N GLY A 395 23.81 18.60 -3.70
CA GLY A 395 25.12 18.85 -3.12
C GLY A 395 25.28 20.34 -2.85
N PHE A 396 26.40 20.71 -2.24
CA PHE A 396 26.63 22.11 -1.93
C PHE A 396 28.05 22.33 -1.45
N SER A 397 28.48 23.59 -1.42
CA SER A 397 29.81 23.91 -0.90
C SER A 397 29.65 25.05 0.09
N ILE A 398 30.45 25.01 1.15
CA ILE A 398 30.50 26.11 2.13
C ILE A 398 31.94 26.63 2.04
N VAL A 399 32.09 27.93 1.81
CA VAL A 399 33.39 28.56 1.67
C VAL A 399 33.66 29.42 2.87
N LEU A 400 34.77 29.15 3.55
CA LEU A 400 35.16 29.94 4.71
C LEU A 400 35.73 31.24 4.16
N GLY A 401 35.01 32.34 4.37
CA GLY A 401 35.44 33.63 3.87
C GLY A 401 36.78 34.18 4.36
N ASN A 402 37.37 35.05 3.55
CA ASN A 402 38.66 35.67 3.86
C ASN A 402 38.64 36.37 5.22
N SER A 403 37.49 36.93 5.57
CA SER A 403 37.34 37.66 6.84
C SER A 403 37.58 36.81 8.10
N LEU A 404 37.19 35.55 8.05
CA LEU A 404 37.31 34.61 9.16
C LEU A 404 38.68 34.56 9.84
N THR A 405 38.68 34.73 11.15
CA THR A 405 39.93 34.68 11.92
C THR A 405 39.99 33.49 12.87
N VAL A 406 39.05 32.55 12.75
CA VAL A 406 39.11 31.38 13.61
C VAL A 406 39.97 30.39 12.85
N SER A 407 40.33 29.27 13.47
CA SER A 407 41.13 28.29 12.77
C SER A 407 40.33 27.69 11.61
N ARG A 408 40.83 27.91 10.38
CA ARG A 408 40.17 27.40 9.20
C ARG A 408 40.21 25.87 9.24
N GLU A 409 41.36 25.34 9.67
CA GLU A 409 41.57 23.92 9.78
C GLU A 409 40.55 23.33 10.77
N GLN A 410 40.43 23.96 11.94
CA GLN A 410 39.50 23.47 12.93
C GLN A 410 38.01 23.69 12.60
N LEU A 411 37.68 24.82 11.99
CA LEU A 411 36.29 25.11 11.64
C LEU A 411 35.85 24.12 10.59
N SER A 412 36.80 23.77 9.72
CA SER A 412 36.58 22.81 8.63
C SER A 412 36.25 21.41 9.17
N ILE A 413 37.08 20.92 10.08
CA ILE A 413 36.88 19.61 10.68
C ILE A 413 35.56 19.60 11.46
N ALA A 414 35.32 20.67 12.21
CA ALA A 414 34.07 20.78 12.98
C ALA A 414 32.85 20.69 12.04
N LEU A 415 32.88 21.37 10.88
CA LEU A 415 31.76 21.30 9.98
C LEU A 415 31.61 19.88 9.40
N LEU A 416 32.74 19.25 9.08
CA LEU A 416 32.76 17.89 8.55
C LEU A 416 32.18 16.86 9.52
N SER A 417 32.67 16.89 10.76
CA SER A 417 32.21 15.96 11.79
C SER A 417 30.73 16.15 12.09
N THR A 418 30.27 17.39 12.00
CA THR A 418 28.87 17.68 12.27
C THR A 418 27.98 17.17 11.16
N PHE A 419 28.35 17.43 9.91
CA PHE A 419 27.52 16.98 8.79
C PHE A 419 27.45 15.44 8.83
N LEU A 420 28.58 14.81 9.11
CA LEU A 420 28.63 13.36 9.16
C LEU A 420 27.71 12.77 10.21
N GLN A 421 27.36 13.56 11.21
CA GLN A 421 26.47 13.07 12.25
C GLN A 421 25.08 12.85 11.68
N PHE A 422 24.67 13.72 10.77
CA PHE A 422 23.34 13.68 10.21
C PHE A 422 23.02 12.51 9.30
N GLY A 423 24.02 12.02 8.57
CA GLY A 423 23.77 10.91 7.67
C GLY A 423 22.66 11.24 6.68
N GLY A 424 22.37 10.31 5.77
CA GLY A 424 21.35 10.59 4.78
C GLY A 424 21.95 10.33 3.41
N GLY A 425 23.15 9.74 3.41
CA GLY A 425 23.79 9.43 2.16
C GLY A 425 24.81 10.39 1.62
N ARG A 426 24.61 11.69 1.80
CA ARG A 426 25.56 12.67 1.27
C ARG A 426 27.03 12.40 1.64
N TYR A 427 27.92 12.61 0.68
CA TYR A 427 29.34 12.41 0.90
C TYR A 427 29.94 13.79 1.14
N TYR A 428 30.81 13.91 2.13
CA TYR A 428 31.42 15.19 2.46
C TYR A 428 32.95 15.21 2.35
N LYS A 429 33.50 16.34 1.90
CA LYS A 429 34.94 16.45 1.80
C LYS A 429 35.44 17.85 2.07
N ILE A 430 36.53 17.94 2.83
CA ILE A 430 37.15 19.25 3.05
C ILE A 430 37.97 19.40 1.77
N PHE A 431 37.69 20.43 0.98
CA PHE A 431 38.36 20.61 -0.30
C PHE A 431 39.25 21.83 -0.45
N GLU A 432 40.54 21.56 -0.62
CA GLU A 432 41.54 22.62 -0.81
C GLU A 432 41.87 22.72 -2.29
N HIS A 433 41.56 23.88 -2.87
CA HIS A 433 41.81 24.14 -4.27
C HIS A 433 43.19 24.78 -4.51
N ASN A 434 43.72 25.45 -3.50
CA ASN A 434 45.00 26.12 -3.64
C ASN A 434 44.99 26.96 -4.89
N ASN A 435 43.83 27.53 -5.17
CA ASN A 435 43.62 28.39 -6.31
C ASN A 435 44.02 27.83 -7.69
N LYS A 436 44.12 26.52 -7.80
CA LYS A 436 44.48 25.86 -9.05
C LYS A 436 43.20 25.55 -9.80
N THR A 437 43.06 26.11 -10.99
CA THR A 437 41.84 25.88 -11.74
C THR A 437 41.60 24.40 -12.02
N GLU A 438 42.66 23.60 -12.08
CA GLU A 438 42.46 22.19 -12.33
C GLU A 438 41.65 21.64 -11.15
N LEU A 439 41.70 22.32 -10.02
CA LEU A 439 40.96 21.87 -8.85
C LEU A 439 39.63 22.61 -8.74
N LEU A 440 39.68 23.92 -8.93
CA LEU A 440 38.48 24.76 -8.88
C LEU A 440 37.37 24.26 -9.84
N SER A 441 37.78 23.77 -11.00
CA SER A 441 36.83 23.27 -12.00
C SER A 441 36.15 22.00 -11.56
N LEU A 442 36.58 21.42 -10.46
CA LEU A 442 35.98 20.19 -9.95
C LEU A 442 34.86 20.43 -8.94
N ILE A 443 34.81 21.63 -8.36
CA ILE A 443 33.80 21.96 -7.37
C ILE A 443 32.36 21.68 -7.82
N GLN A 444 32.01 22.07 -9.05
CA GLN A 444 30.65 21.83 -9.49
C GLN A 444 30.39 20.37 -9.85
N ASP A 445 31.45 19.58 -10.06
CA ASP A 445 31.23 18.17 -10.36
C ASP A 445 30.77 17.50 -9.05
N PHE A 446 31.40 17.88 -7.94
CA PHE A 446 31.04 17.35 -6.62
C PHE A 446 29.63 17.77 -6.24
N ILE A 447 29.29 19.04 -6.45
CA ILE A 447 27.94 19.52 -6.18
C ILE A 447 27.02 18.70 -7.11
N GLY A 448 27.44 18.56 -8.36
CA GLY A 448 26.66 17.78 -9.30
C GLY A 448 26.50 16.36 -8.83
N SER A 449 27.49 15.85 -8.09
CA SER A 449 27.45 14.46 -7.60
C SER A 449 26.66 14.31 -6.33
N GLY A 450 26.14 15.43 -5.83
CA GLY A 450 25.34 15.42 -4.62
C GLY A 450 26.15 15.62 -3.36
N SER A 451 27.46 15.86 -3.51
CA SER A 451 28.31 16.03 -2.35
C SER A 451 28.34 17.41 -1.64
N GLY A 452 28.81 17.40 -0.39
CA GLY A 452 28.93 18.61 0.36
C GLY A 452 30.41 18.95 0.50
N LEU A 453 30.82 20.12 0.00
CA LEU A 453 32.21 20.52 0.08
C LEU A 453 32.45 21.65 1.08
N ILE A 454 33.46 21.47 1.93
CA ILE A 454 33.82 22.46 2.91
C ILE A 454 35.14 23.01 2.40
N ILE A 455 35.11 24.22 1.88
CA ILE A 455 36.28 24.88 1.30
C ILE A 455 36.81 25.95 2.27
N PRO A 456 37.93 25.66 2.97
CA PRO A 456 38.60 26.52 3.95
C PRO A 456 39.00 27.95 3.57
N ASP A 457 39.08 28.26 2.28
CA ASP A 457 39.36 29.64 1.87
C ASP A 457 38.95 29.96 0.45
N GLN A 458 38.74 31.24 0.20
CA GLN A 458 38.31 31.73 -1.10
C GLN A 458 39.37 31.62 -2.17
N TRP A 459 38.92 31.61 -3.42
CA TRP A 459 39.82 31.56 -4.56
C TRP A 459 39.95 32.99 -5.09
N GLU A 460 41.02 33.28 -5.84
CA GLU A 460 41.27 34.59 -6.41
C GLU A 460 40.07 35.04 -7.22
N ASP A 461 39.83 36.36 -7.24
CA ASP A 461 38.73 36.96 -7.99
C ASP A 461 38.85 36.61 -9.49
N ASP A 462 40.08 36.41 -9.96
CA ASP A 462 40.32 36.10 -11.37
C ASP A 462 40.08 34.63 -11.70
N LYS A 463 39.50 33.91 -10.74
CA LYS A 463 39.22 32.48 -10.92
C LYS A 463 37.73 32.18 -10.79
N ASP A 464 36.97 33.15 -10.31
CA ASP A 464 35.54 32.96 -10.11
C ASP A 464 34.84 32.32 -11.31
N SER A 465 35.19 32.79 -12.51
CA SER A 465 34.59 32.28 -13.71
C SER A 465 34.76 30.78 -13.81
N VAL A 466 35.88 30.26 -13.33
CA VAL A 466 36.13 28.82 -13.37
C VAL A 466 35.16 28.02 -12.51
N VAL A 467 34.59 28.66 -11.49
CA VAL A 467 33.67 28.01 -10.57
C VAL A 467 32.20 28.39 -10.73
N GLY A 468 31.32 27.39 -10.86
CA GLY A 468 29.91 27.67 -10.97
C GLY A 468 29.42 28.36 -9.70
N LYS A 469 28.16 28.75 -9.69
CA LYS A 469 27.61 29.43 -8.53
C LYS A 469 26.55 28.60 -7.78
N GLN A 470 25.99 27.59 -8.44
CA GLN A 470 24.94 26.75 -7.84
C GLN A 470 25.36 26.07 -6.55
N ASN A 471 24.58 26.31 -5.50
CA ASN A 471 24.77 25.74 -4.16
C ASN A 471 26.15 25.99 -3.55
N VAL A 472 26.69 27.17 -3.80
CA VAL A 472 27.98 27.54 -3.24
C VAL A 472 27.66 28.70 -2.33
N TYR A 473 27.99 28.57 -1.06
CA TYR A 473 27.66 29.62 -0.12
C TYR A 473 28.88 30.15 0.57
N LEU A 474 28.87 31.47 0.79
CA LEU A 474 29.97 32.17 1.43
C LEU A 474 29.68 32.35 2.91
N LEU A 475 30.64 31.92 3.73
CA LEU A 475 30.54 32.06 5.17
C LEU A 475 31.47 33.24 5.45
N ASP A 476 30.93 34.37 5.89
CA ASP A 476 31.76 35.55 6.11
C ASP A 476 31.12 36.65 6.97
N THR A 477 31.88 37.70 7.28
CA THR A 477 31.30 38.79 8.06
C THR A 477 30.71 39.83 7.14
N SER A 478 31.17 39.84 5.89
CA SER A 478 30.69 40.82 4.91
C SER A 478 29.24 40.66 4.51
N SER A 479 28.67 41.75 4.03
CA SER A 479 27.27 41.77 3.59
C SER A 479 27.01 40.84 2.43
N SER A 480 28.03 40.57 1.62
CA SER A 480 27.87 39.68 0.49
C SER A 480 27.85 38.19 0.87
N ALA A 481 28.04 37.90 2.16
CA ALA A 481 28.04 36.52 2.66
C ALA A 481 26.62 35.95 2.63
N ASP A 482 26.49 34.67 2.29
CA ASP A 482 25.18 34.01 2.24
C ASP A 482 24.81 33.60 3.65
N ILE A 483 25.83 33.32 4.45
CA ILE A 483 25.69 32.94 5.84
C ILE A 483 26.62 33.95 6.53
N GLN A 484 26.03 34.99 7.12
CA GLN A 484 26.79 36.04 7.76
C GLN A 484 27.18 35.83 9.22
N LEU A 485 28.48 35.85 9.50
CA LEU A 485 28.96 35.67 10.85
C LEU A 485 28.83 36.97 11.65
N GLU A 486 28.69 36.84 12.98
CA GLU A 486 28.55 38.04 13.82
C GLU A 486 29.86 38.79 13.96
N SER A 487 30.98 38.06 13.84
CA SER A 487 32.32 38.64 13.92
C SER A 487 33.26 37.56 13.39
N ALA A 488 34.46 37.95 12.96
CA ALA A 488 35.42 37.02 12.39
C ALA A 488 35.96 36.01 13.37
N ASP A 489 35.83 36.32 14.66
CA ASP A 489 36.35 35.46 15.72
C ASP A 489 35.27 34.69 16.49
N GLU A 490 34.05 34.69 15.94
CA GLU A 490 32.94 34.00 16.56
C GLU A 490 33.34 32.56 16.89
N PRO A 491 33.00 32.07 18.09
CA PRO A 491 33.40 30.69 18.38
C PRO A 491 32.92 29.61 17.39
N ILE A 492 33.79 28.65 17.13
CA ILE A 492 33.46 27.58 16.21
C ILE A 492 32.08 26.93 16.43
N SER A 493 31.77 26.52 17.64
CA SER A 493 30.47 25.89 17.84
C SER A 493 29.33 26.81 17.39
N HIS A 494 29.49 28.11 17.60
CA HIS A 494 28.49 29.10 17.20
C HIS A 494 28.40 29.17 15.68
N ILE A 495 29.54 29.08 15.00
CA ILE A 495 29.54 29.16 13.55
C ILE A 495 28.90 27.90 13.00
N VAL A 496 29.28 26.76 13.56
CA VAL A 496 28.73 25.51 13.11
C VAL A 496 27.20 25.51 13.18
N GLN A 497 26.62 26.08 14.24
CA GLN A 497 25.17 26.07 14.35
C GLN A 497 24.55 26.96 13.29
N LYS A 498 25.14 28.12 13.06
CA LYS A 498 24.62 29.02 12.03
C LYS A 498 24.62 28.32 10.67
N VAL A 499 25.70 27.61 10.36
CA VAL A 499 25.82 26.91 9.08
C VAL A 499 24.77 25.80 8.98
N VAL A 500 24.71 24.94 10.00
CA VAL A 500 23.75 23.82 10.01
C VAL A 500 22.33 24.29 9.82
N LEU A 501 21.95 25.34 10.55
CA LEU A 501 20.59 25.86 10.46
C LEU A 501 20.33 26.57 9.14
N PHE A 502 21.36 27.13 8.52
CA PHE A 502 21.19 27.78 7.23
C PHE A 502 20.86 26.70 6.20
N LEU A 503 21.63 25.61 6.21
CA LEU A 503 21.40 24.51 5.27
C LEU A 503 20.04 23.86 5.50
N GLU A 504 19.58 23.87 6.75
CA GLU A 504 18.28 23.26 7.00
C GLU A 504 17.22 24.17 6.41
N ASP A 505 17.36 25.45 6.69
CA ASP A 505 16.42 26.43 6.17
C ASP A 505 16.29 26.31 4.65
N ASN A 506 17.36 25.92 3.97
CA ASN A 506 17.34 25.80 2.52
C ASN A 506 17.14 24.36 2.05
N GLY A 507 16.64 23.51 2.93
CA GLY A 507 16.35 22.13 2.57
C GLY A 507 17.41 21.05 2.40
N PHE A 508 18.69 21.38 2.52
CA PHE A 508 19.71 20.36 2.32
C PHE A 508 19.71 19.31 3.38
N PHE A 509 19.27 19.67 4.59
CA PHE A 509 19.18 18.73 5.67
C PHE A 509 17.71 18.72 6.08
N VAL A 510 17.23 17.57 6.52
CA VAL A 510 15.85 17.41 6.96
C VAL A 510 15.85 16.38 8.08
N PHE A 511 15.44 16.80 9.26
CA PHE A 511 15.46 15.91 10.42
C PHE A 511 14.08 15.38 10.78
N PRO B 2 -37.39 -35.11 7.25
CA PRO B 2 -37.90 -36.35 7.85
C PRO B 2 -38.80 -36.06 9.03
N ALA B 3 -39.49 -37.11 9.47
CA ALA B 3 -40.40 -36.98 10.60
C ALA B 3 -39.61 -36.78 11.89
N PRO B 4 -40.16 -35.99 12.81
CA PRO B 4 -39.45 -35.78 14.08
C PRO B 4 -39.25 -37.12 14.79
N HIS B 5 -38.14 -37.23 15.51
CA HIS B 5 -37.78 -38.46 16.23
C HIS B 5 -38.93 -38.97 17.09
N GLY B 6 -39.34 -40.21 16.86
CA GLY B 6 -40.46 -40.73 17.62
C GLY B 6 -41.75 -40.37 16.92
N GLY B 7 -41.63 -39.67 15.79
CA GLY B 7 -42.81 -39.34 14.99
C GLY B 7 -43.61 -38.08 15.20
N ILE B 8 -43.57 -37.51 16.40
CA ILE B 8 -44.33 -36.29 16.68
C ILE B 8 -43.45 -35.18 17.23
N LEU B 9 -43.47 -33.99 16.59
CA LEU B 9 -42.69 -32.87 17.09
C LEU B 9 -43.35 -32.42 18.40
N GLN B 10 -42.68 -32.64 19.52
CA GLN B 10 -43.27 -32.24 20.77
C GLN B 10 -43.07 -30.76 21.08
N ASP B 11 -43.66 -29.90 20.25
CA ASP B 11 -43.60 -28.45 20.44
C ASP B 11 -44.65 -28.09 21.53
N LEU B 12 -44.19 -28.09 22.77
CA LEU B 12 -45.05 -27.81 23.90
C LEU B 12 -45.56 -26.37 24.00
N ILE B 13 -44.93 -25.46 23.27
CA ILE B 13 -45.37 -24.07 23.30
C ILE B 13 -46.67 -24.04 22.49
N ALA B 14 -46.69 -24.79 21.41
CA ALA B 14 -47.89 -24.84 20.59
C ALA B 14 -48.93 -25.60 21.43
N ARG B 15 -48.58 -26.80 21.86
CA ARG B 15 -49.48 -27.62 22.64
C ARG B 15 -50.22 -26.91 23.77
N ASP B 16 -49.48 -26.20 24.61
CA ASP B 16 -50.01 -25.54 25.80
C ASP B 16 -50.42 -24.09 25.64
N ALA B 17 -50.61 -23.65 24.40
CA ALA B 17 -50.98 -22.25 24.16
C ALA B 17 -52.23 -21.77 24.91
N LEU B 18 -53.25 -22.64 25.01
CA LEU B 18 -54.50 -22.28 25.70
C LEU B 18 -54.42 -22.34 27.21
N LYS B 19 -53.30 -22.84 27.73
CA LYS B 19 -53.08 -22.94 29.17
C LYS B 19 -52.06 -21.92 29.66
N LYS B 20 -51.57 -21.06 28.78
CA LYS B 20 -50.56 -20.10 29.19
C LYS B 20 -50.98 -19.26 30.38
N ASN B 21 -52.09 -18.54 30.23
CA ASN B 21 -52.60 -17.68 31.29
C ASN B 21 -52.71 -18.42 32.62
N GLU B 22 -53.37 -19.57 32.57
CA GLU B 22 -53.57 -20.42 33.73
C GLU B 22 -52.23 -20.86 34.34
N LEU B 23 -51.37 -21.44 33.51
CA LEU B 23 -50.05 -21.88 33.96
C LEU B 23 -49.27 -20.70 34.50
N LEU B 24 -49.34 -19.57 33.81
CA LEU B 24 -48.63 -18.38 34.24
C LEU B 24 -49.00 -18.02 35.66
N SER B 25 -50.29 -18.13 35.96
CA SER B 25 -50.82 -17.81 37.27
C SER B 25 -50.40 -18.82 38.34
N GLU B 26 -50.32 -20.09 37.97
CA GLU B 26 -49.92 -21.11 38.91
C GLU B 26 -48.47 -20.84 39.32
N ALA B 27 -47.59 -20.60 38.35
CA ALA B 27 -46.19 -20.36 38.66
C ALA B 27 -45.98 -19.17 39.60
N GLN B 28 -46.81 -18.14 39.45
CA GLN B 28 -46.64 -16.99 40.29
C GLN B 28 -47.48 -17.03 41.56
N SER B 29 -48.13 -18.16 41.83
CA SER B 29 -48.94 -18.27 43.03
C SER B 29 -48.02 -18.30 44.27
N SER B 30 -48.59 -17.97 45.43
CA SER B 30 -47.81 -17.91 46.66
C SER B 30 -47.40 -19.25 47.25
N ASP B 31 -48.22 -20.27 47.05
CA ASP B 31 -47.92 -21.57 47.62
C ASP B 31 -47.09 -22.58 46.81
N ILE B 32 -46.82 -22.31 45.54
CA ILE B 32 -46.04 -23.27 44.76
C ILE B 32 -44.54 -23.23 44.99
N LEU B 33 -43.93 -24.41 44.88
CA LEU B 33 -42.50 -24.58 45.04
C LEU B 33 -41.80 -24.12 43.77
N VAL B 34 -40.75 -23.32 43.96
CA VAL B 34 -39.98 -22.75 42.86
C VAL B 34 -38.52 -23.19 42.78
N TRP B 35 -38.07 -23.50 41.56
CA TRP B 35 -36.67 -23.88 41.30
C TRP B 35 -36.08 -23.01 40.20
N ASN B 36 -35.03 -22.25 40.52
CA ASN B 36 -34.44 -21.40 39.49
C ASN B 36 -33.52 -22.25 38.63
N LEU B 37 -33.83 -22.32 37.32
CA LEU B 37 -33.05 -23.13 36.37
C LEU B 37 -31.59 -22.69 36.21
N THR B 38 -30.68 -23.65 36.09
CA THR B 38 -29.27 -23.34 35.89
C THR B 38 -29.05 -23.05 34.42
N PRO B 39 -27.95 -22.37 34.09
CA PRO B 39 -27.73 -22.09 32.67
C PRO B 39 -27.74 -23.35 31.81
N ARG B 40 -27.31 -24.48 32.31
CA ARG B 40 -27.41 -25.64 31.44
C ARG B 40 -28.86 -26.13 31.33
N GLN B 41 -29.60 -26.04 32.45
CA GLN B 41 -30.99 -26.47 32.47
C GLN B 41 -31.85 -25.55 31.60
N LEU B 42 -31.39 -24.32 31.41
CA LEU B 42 -32.11 -23.38 30.55
C LEU B 42 -31.99 -23.78 29.09
N CYS B 43 -30.80 -24.22 28.69
CA CYS B 43 -30.54 -24.66 27.31
C CYS B 43 -31.38 -25.89 27.03
N ASP B 44 -31.39 -26.82 27.99
CA ASP B 44 -32.12 -28.08 27.88
C ASP B 44 -33.60 -27.87 27.85
N ILE B 45 -34.11 -27.04 28.74
CA ILE B 45 -35.55 -26.83 28.75
C ILE B 45 -36.02 -26.16 27.47
N GLU B 46 -35.23 -25.27 26.89
CA GLU B 46 -35.67 -24.65 25.66
C GLU B 46 -35.76 -25.73 24.57
N LEU B 47 -34.78 -26.62 24.52
CA LEU B 47 -34.81 -27.68 23.52
C LEU B 47 -35.99 -28.63 23.79
N ILE B 48 -36.33 -28.84 25.06
CA ILE B 48 -37.44 -29.70 25.34
C ILE B 48 -38.73 -29.00 24.96
N LEU B 49 -38.94 -27.78 25.45
CA LEU B 49 -40.19 -27.09 25.14
C LEU B 49 -40.48 -26.81 23.64
N ASN B 50 -39.45 -26.63 22.81
CA ASN B 50 -39.69 -26.35 21.40
C ASN B 50 -39.75 -27.53 20.45
N GLY B 51 -39.58 -28.76 20.98
CA GLY B 51 -39.66 -29.94 20.15
C GLY B 51 -38.30 -30.48 19.69
N GLY B 52 -37.24 -29.73 20.01
CA GLY B 52 -35.91 -30.12 19.62
C GLY B 52 -35.46 -31.44 20.18
N PHE B 53 -35.91 -31.76 21.40
CA PHE B 53 -35.56 -33.03 22.02
C PHE B 53 -36.64 -34.11 21.87
N SER B 54 -37.52 -33.96 20.87
CA SER B 54 -38.57 -34.95 20.64
C SER B 54 -37.87 -36.30 20.59
N PRO B 55 -38.49 -37.36 21.11
CA PRO B 55 -39.81 -37.44 21.74
C PRO B 55 -39.95 -36.95 23.16
N LEU B 56 -38.92 -36.32 23.73
CA LEU B 56 -39.03 -35.86 25.12
C LEU B 56 -40.11 -34.81 25.42
N THR B 57 -40.74 -34.92 26.59
CA THR B 57 -41.75 -33.94 26.99
C THR B 57 -41.49 -33.46 28.43
N GLY B 58 -40.28 -33.72 28.92
CA GLY B 58 -39.94 -33.32 30.28
C GLY B 58 -38.56 -33.84 30.62
N PHE B 59 -38.12 -33.71 31.87
CA PHE B 59 -36.82 -34.20 32.28
C PHE B 59 -36.92 -35.69 32.60
N LEU B 60 -35.87 -36.45 32.30
CA LEU B 60 -35.94 -37.90 32.49
C LEU B 60 -36.09 -38.46 33.89
N ASN B 61 -37.02 -39.41 34.04
CA ASN B 61 -37.24 -40.10 35.31
C ASN B 61 -36.19 -41.21 35.35
N GLU B 62 -36.01 -41.81 36.51
CA GLU B 62 -34.99 -42.84 36.69
C GLU B 62 -35.00 -43.98 35.67
N ASN B 63 -36.20 -44.40 35.29
CA ASN B 63 -36.37 -45.48 34.33
C ASN B 63 -35.84 -45.13 32.92
N ASP B 64 -36.20 -43.96 32.40
CA ASP B 64 -35.71 -43.56 31.08
C ASP B 64 -34.20 -43.26 31.14
N TYR B 65 -33.78 -42.64 32.25
CA TYR B 65 -32.39 -42.27 32.47
C TYR B 65 -31.45 -43.48 32.54
N SER B 66 -31.84 -44.50 33.31
CA SER B 66 -31.02 -45.70 33.41
C SER B 66 -30.87 -46.37 32.05
N SER B 67 -31.96 -46.39 31.29
CA SER B 67 -31.96 -46.97 29.96
C SER B 67 -31.02 -46.21 29.05
N VAL B 68 -31.02 -44.89 29.15
CA VAL B 68 -30.14 -44.06 28.35
C VAL B 68 -28.73 -44.35 28.79
N VAL B 69 -28.51 -44.35 30.10
CA VAL B 69 -27.17 -44.62 30.62
C VAL B 69 -26.58 -45.92 30.11
N THR B 70 -27.28 -47.02 30.34
CA THR B 70 -26.79 -48.35 29.96
C THR B 70 -27.09 -48.83 28.55
N ASP B 71 -28.22 -48.39 28.00
CA ASP B 71 -28.63 -48.83 26.67
C ASP B 71 -28.60 -47.83 25.51
N SER B 72 -28.41 -46.53 25.81
CA SER B 72 -28.43 -45.50 24.77
C SER B 72 -29.85 -45.46 24.21
N ARG B 73 -30.84 -45.81 25.03
CA ARG B 73 -32.24 -45.80 24.62
C ARG B 73 -33.13 -45.40 25.76
N LEU B 74 -34.31 -44.89 25.44
CA LEU B 74 -35.29 -44.55 26.46
C LEU B 74 -35.91 -45.90 26.81
N ALA B 75 -36.60 -45.99 27.93
CA ALA B 75 -37.22 -47.26 28.33
C ALA B 75 -37.99 -47.96 27.21
N ASP B 76 -38.74 -47.19 26.42
CA ASP B 76 -39.54 -47.75 25.34
C ASP B 76 -38.76 -48.15 24.12
N GLY B 77 -37.43 -48.13 24.23
CA GLY B 77 -36.58 -48.51 23.11
C GLY B 77 -36.16 -47.38 22.17
N THR B 78 -36.74 -46.19 22.32
CA THR B 78 -36.38 -45.07 21.46
C THR B 78 -34.90 -44.70 21.60
N LEU B 79 -34.22 -44.63 20.44
CA LEU B 79 -32.80 -44.30 20.40
C LEU B 79 -32.51 -42.88 20.97
N TRP B 80 -31.82 -42.83 22.11
CA TRP B 80 -31.48 -41.56 22.76
C TRP B 80 -30.20 -41.75 23.59
N THR B 81 -29.13 -41.04 23.21
CA THR B 81 -27.84 -41.23 23.87
C THR B 81 -27.36 -40.31 24.99
N ILE B 82 -27.95 -39.12 25.12
CA ILE B 82 -27.51 -38.20 26.16
C ILE B 82 -28.61 -37.97 27.18
N PRO B 83 -28.33 -38.25 28.45
CA PRO B 83 -29.37 -38.06 29.47
C PRO B 83 -29.67 -36.58 29.74
N ILE B 84 -30.95 -36.22 29.74
CA ILE B 84 -31.37 -34.85 29.99
C ILE B 84 -32.15 -34.90 31.28
N THR B 85 -31.53 -34.42 32.35
CA THR B 85 -32.15 -34.44 33.68
C THR B 85 -32.15 -33.11 34.44
N LEU B 86 -33.09 -32.96 35.37
CA LEU B 86 -33.21 -31.77 36.21
C LEU B 86 -32.42 -32.05 37.51
N ASP B 87 -31.20 -31.53 37.61
CA ASP B 87 -30.35 -31.76 38.78
C ASP B 87 -30.48 -30.71 39.88
N VAL B 88 -30.85 -31.18 41.06
CA VAL B 88 -31.06 -30.30 42.21
C VAL B 88 -30.29 -30.82 43.43
N ASP B 89 -30.34 -30.06 44.52
CA ASP B 89 -29.66 -30.43 45.76
C ASP B 89 -30.60 -31.11 46.78
N GLU B 90 -30.00 -31.82 47.73
CA GLU B 90 -30.72 -32.54 48.78
C GLU B 90 -31.83 -31.68 49.40
N ALA B 91 -31.47 -30.47 49.80
CA ALA B 91 -32.41 -29.53 50.41
C ALA B 91 -33.69 -29.38 49.58
N PHE B 92 -33.52 -29.11 48.29
CA PHE B 92 -34.68 -28.91 47.45
C PHE B 92 -35.36 -30.26 47.22
N ALA B 93 -34.58 -31.28 46.94
CA ALA B 93 -35.13 -32.61 46.68
C ALA B 93 -36.06 -33.08 47.79
N ASN B 94 -35.63 -32.84 49.03
CA ASN B 94 -36.42 -33.27 50.19
C ASN B 94 -37.77 -32.59 50.29
N GLN B 95 -37.94 -31.48 49.58
CA GLN B 95 -39.22 -30.77 49.61
C GLN B 95 -40.23 -31.27 48.60
N ILE B 96 -39.90 -32.33 47.86
CA ILE B 96 -40.83 -32.84 46.85
C ILE B 96 -41.14 -34.33 46.86
N LYS B 97 -42.26 -34.67 46.24
CA LYS B 97 -42.72 -36.06 46.12
C LYS B 97 -43.54 -36.20 44.83
N PRO B 98 -43.76 -37.45 44.34
CA PRO B 98 -44.55 -37.55 43.12
C PRO B 98 -45.91 -36.87 43.26
N ASP B 99 -46.35 -36.28 42.15
CA ASP B 99 -47.62 -35.54 42.04
C ASP B 99 -47.39 -34.06 42.34
N THR B 100 -46.24 -33.73 42.90
CA THR B 100 -45.92 -32.33 43.19
C THR B 100 -45.76 -31.55 41.88
N ARG B 101 -46.23 -30.32 41.88
CA ARG B 101 -46.10 -29.46 40.71
C ARG B 101 -45.16 -28.31 41.07
N ILE B 102 -43.99 -28.29 40.46
CA ILE B 102 -43.05 -27.21 40.73
C ILE B 102 -42.95 -26.26 39.55
N ALA B 103 -42.75 -24.99 39.86
CA ALA B 103 -42.63 -23.97 38.83
C ALA B 103 -41.16 -23.68 38.62
N LEU B 104 -40.75 -23.72 37.35
CA LEU B 104 -39.37 -23.48 36.98
C LEU B 104 -39.21 -22.07 36.39
N PHE B 105 -38.31 -21.31 36.99
CA PHE B 105 -38.05 -19.94 36.55
C PHE B 105 -36.67 -19.75 35.93
N GLN B 106 -36.50 -18.56 35.38
CA GLN B 106 -35.27 -18.10 34.76
C GLN B 106 -34.92 -16.79 35.45
N ASP B 107 -33.77 -16.74 36.10
CA ASP B 107 -33.32 -15.51 36.75
C ASP B 107 -34.26 -15.10 37.90
N ASP B 108 -34.97 -16.07 38.46
CA ASP B 108 -35.88 -15.82 39.57
C ASP B 108 -36.94 -14.80 39.24
N GLU B 109 -37.22 -14.63 37.96
CA GLU B 109 -38.24 -13.65 37.57
C GLU B 109 -39.17 -14.15 36.48
N ILE B 110 -38.60 -14.79 35.46
CA ILE B 110 -39.41 -15.24 34.36
C ILE B 110 -39.86 -16.71 34.48
N PRO B 111 -41.16 -16.93 34.64
CA PRO B 111 -41.64 -18.32 34.75
C PRO B 111 -41.46 -19.04 33.40
N ILE B 112 -40.88 -20.23 33.43
CA ILE B 112 -40.64 -20.94 32.19
C ILE B 112 -41.64 -22.07 31.91
N ALA B 113 -41.83 -22.92 32.92
CA ALA B 113 -42.72 -24.06 32.79
C ALA B 113 -43.14 -24.63 34.13
N ILE B 114 -44.14 -25.50 34.10
CA ILE B 114 -44.59 -26.17 35.32
C ILE B 114 -44.19 -27.64 35.08
N LEU B 115 -43.47 -28.18 36.05
CA LEU B 115 -43.01 -29.55 35.98
C LEU B 115 -43.85 -30.37 36.96
N THR B 116 -44.35 -31.51 36.50
CA THR B 116 -45.13 -32.41 37.34
C THR B 116 -44.23 -33.59 37.67
N VAL B 117 -43.84 -33.68 38.94
CA VAL B 117 -42.93 -34.71 39.43
C VAL B 117 -43.40 -36.15 39.32
N GLN B 118 -42.53 -36.99 38.78
CA GLN B 118 -42.80 -38.41 38.65
C GLN B 118 -41.94 -39.14 39.70
N ASP B 119 -40.69 -38.69 39.85
CA ASP B 119 -39.80 -39.29 40.84
C ASP B 119 -38.66 -38.35 41.22
N VAL B 120 -37.98 -38.71 42.30
CA VAL B 120 -36.84 -37.97 42.81
C VAL B 120 -35.83 -39.03 43.18
N TYR B 121 -34.66 -39.03 42.55
CA TYR B 121 -33.68 -40.06 42.82
C TYR B 121 -32.28 -39.54 42.88
N LYS B 122 -31.38 -40.36 43.42
CA LYS B 122 -29.99 -39.98 43.55
C LYS B 122 -29.12 -40.85 42.62
N PRO B 123 -28.85 -40.38 41.41
CA PRO B 123 -28.04 -41.18 40.48
C PRO B 123 -26.64 -41.43 41.00
N ASN B 124 -26.04 -42.52 40.55
CA ASN B 124 -24.66 -42.84 40.89
C ASN B 124 -23.86 -42.14 39.79
N LYS B 125 -23.23 -41.03 40.13
CA LYS B 125 -22.48 -40.27 39.14
C LYS B 125 -21.28 -40.96 38.51
N THR B 126 -20.76 -41.99 39.17
CA THR B 126 -19.60 -42.67 38.60
C THR B 126 -20.06 -43.59 37.47
N ILE B 127 -21.27 -44.15 37.59
CA ILE B 127 -21.76 -45.01 36.52
C ILE B 127 -22.04 -44.13 35.32
N GLU B 128 -22.76 -43.02 35.55
CA GLU B 128 -23.11 -42.08 34.48
C GLU B 128 -21.84 -41.55 33.86
N ALA B 129 -20.87 -41.23 34.70
CA ALA B 129 -19.58 -40.70 34.22
C ALA B 129 -18.82 -41.68 33.31
N GLU B 130 -18.77 -42.96 33.70
CA GLU B 130 -18.06 -43.96 32.89
C GLU B 130 -18.89 -44.49 31.71
N ARG B 131 -20.17 -44.79 31.94
CA ARG B 131 -21.04 -45.30 30.89
C ARG B 131 -21.38 -44.30 29.78
N VAL B 132 -21.73 -43.06 30.14
CA VAL B 132 -22.07 -42.09 29.12
C VAL B 132 -20.91 -41.27 28.57
N PHE B 133 -20.00 -40.89 29.45
CA PHE B 133 -18.89 -40.03 29.05
C PHE B 133 -17.49 -40.64 28.99
N ARG B 134 -17.40 -41.94 29.30
CA ARG B 134 -16.13 -42.68 29.26
C ARG B 134 -15.21 -42.52 30.49
N GLY B 135 -15.75 -42.01 31.58
CA GLY B 135 -15.02 -41.91 32.84
C GLY B 135 -13.79 -41.06 33.13
N ASP B 136 -13.16 -40.47 32.12
CA ASP B 136 -11.97 -39.64 32.35
C ASP B 136 -12.37 -38.35 33.08
N PRO B 137 -11.92 -38.19 34.34
CA PRO B 137 -12.23 -37.02 35.16
C PRO B 137 -11.99 -35.63 34.58
N GLU B 138 -11.16 -35.52 33.55
CA GLU B 138 -10.92 -34.22 32.95
C GLU B 138 -11.95 -33.92 31.86
N HIS B 139 -12.83 -34.89 31.59
CA HIS B 139 -13.85 -34.72 30.58
C HIS B 139 -14.83 -33.63 31.03
N PRO B 140 -15.05 -32.63 30.17
CA PRO B 140 -15.96 -31.53 30.50
C PRO B 140 -17.25 -31.98 31.14
N ALA B 141 -17.87 -33.01 30.55
CA ALA B 141 -19.13 -33.53 31.06
C ALA B 141 -19.03 -34.18 32.46
N ILE B 142 -17.91 -34.83 32.72
CA ILE B 142 -17.72 -35.47 34.02
C ILE B 142 -17.39 -34.42 35.10
N SER B 143 -16.50 -33.50 34.73
CA SER B 143 -16.10 -32.43 35.60
C SER B 143 -17.36 -31.65 36.03
N TYR B 144 -18.25 -31.41 35.08
CA TYR B 144 -19.49 -30.69 35.35
C TYR B 144 -20.38 -31.53 36.25
N LEU B 145 -20.51 -32.81 35.88
CA LEU B 145 -21.34 -33.79 36.59
C LEU B 145 -21.01 -33.86 38.08
N PHE B 146 -19.72 -33.86 38.39
CA PHE B 146 -19.30 -33.93 39.79
C PHE B 146 -19.11 -32.57 40.46
N ASN B 147 -18.75 -31.54 39.71
CA ASN B 147 -18.49 -30.25 40.36
C ASN B 147 -19.54 -29.17 40.28
N VAL B 148 -20.59 -29.37 39.48
CA VAL B 148 -21.59 -28.33 39.31
C VAL B 148 -23.02 -28.83 39.34
N ALA B 149 -23.25 -30.02 38.79
CA ALA B 149 -24.61 -30.58 38.76
C ALA B 149 -25.09 -31.07 40.14
N GLY B 150 -26.36 -30.84 40.46
CA GLY B 150 -26.90 -31.32 41.72
C GLY B 150 -26.75 -32.84 41.82
N ASP B 151 -26.84 -33.37 43.04
CA ASP B 151 -26.70 -34.82 43.28
C ASP B 151 -28.03 -35.57 43.18
N TYR B 152 -29.12 -34.81 43.07
CA TYR B 152 -30.43 -35.42 42.91
C TYR B 152 -31.06 -34.97 41.60
N TYR B 153 -31.67 -35.90 40.88
CA TYR B 153 -32.34 -35.66 39.62
C TYR B 153 -33.84 -35.75 39.91
N VAL B 154 -34.64 -34.96 39.20
CA VAL B 154 -36.08 -34.96 39.40
C VAL B 154 -36.75 -35.26 38.07
N GLY B 155 -37.34 -36.44 37.93
CA GLY B 155 -38.01 -36.76 36.69
C GLY B 155 -39.41 -36.15 36.65
N GLY B 156 -39.94 -35.91 35.46
CA GLY B 156 -41.27 -35.32 35.37
C GLY B 156 -41.65 -34.76 34.01
N SER B 157 -42.95 -34.59 33.82
CA SER B 157 -43.52 -34.04 32.60
C SER B 157 -43.57 -32.51 32.70
N LEU B 158 -43.34 -31.86 31.56
CA LEU B 158 -43.30 -30.40 31.52
C LEU B 158 -44.51 -29.80 30.83
N GLU B 159 -44.85 -28.58 31.24
CA GLU B 159 -45.95 -27.87 30.61
C GLU B 159 -45.40 -26.49 30.33
N ALA B 160 -45.39 -26.10 29.05
CA ALA B 160 -44.83 -24.83 28.62
C ALA B 160 -45.52 -23.54 28.98
N ILE B 161 -44.72 -22.56 29.38
CA ILE B 161 -45.24 -21.22 29.64
C ILE B 161 -44.57 -20.31 28.59
N GLN B 162 -43.25 -20.43 28.43
CA GLN B 162 -42.51 -19.64 27.44
C GLN B 162 -41.08 -20.13 27.34
N LEU B 163 -40.49 -20.03 26.15
CA LEU B 163 -39.10 -20.45 25.96
C LEU B 163 -38.21 -19.47 26.74
N PRO B 164 -37.06 -19.94 27.23
CA PRO B 164 -36.19 -19.03 27.97
C PRO B 164 -35.92 -17.74 27.20
N GLN B 165 -35.81 -16.64 27.94
CA GLN B 165 -35.59 -15.32 27.36
C GLN B 165 -34.19 -15.15 26.73
N HIS B 166 -34.12 -14.40 25.63
CA HIS B 166 -32.85 -14.12 24.96
C HIS B 166 -32.95 -12.72 24.35
N TYR B 167 -31.95 -11.87 24.53
CA TYR B 167 -32.06 -10.54 23.94
C TYR B 167 -31.13 -10.39 22.75
N ASP B 168 -30.17 -11.29 22.61
CA ASP B 168 -29.30 -11.23 21.44
C ASP B 168 -29.89 -12.09 20.33
N TYR B 169 -29.73 -11.65 19.08
CA TYR B 169 -30.21 -12.37 17.89
C TYR B 169 -31.66 -12.80 17.92
N PRO B 170 -32.57 -11.89 18.25
CA PRO B 170 -34.00 -12.19 18.32
C PRO B 170 -34.50 -13.00 17.12
N GLY B 171 -34.06 -12.63 15.92
CA GLY B 171 -34.54 -13.36 14.76
C GLY B 171 -33.85 -14.68 14.39
N LEU B 172 -32.58 -14.82 14.78
CA LEU B 172 -31.81 -15.99 14.44
C LEU B 172 -32.00 -17.32 15.18
N ARG B 173 -32.57 -17.32 16.38
CA ARG B 173 -32.74 -18.60 17.06
C ARG B 173 -34.03 -19.33 16.65
N LYS B 174 -34.05 -19.91 15.46
CA LYS B 174 -35.25 -20.59 15.00
C LYS B 174 -35.59 -21.88 15.75
N THR B 175 -36.88 -22.10 15.97
CA THR B 175 -37.34 -23.31 16.65
C THR B 175 -37.50 -24.37 15.56
N PRO B 176 -37.65 -25.63 15.94
CA PRO B 176 -37.81 -26.61 14.86
C PRO B 176 -38.98 -26.26 13.87
N ALA B 177 -40.13 -25.86 14.39
CA ALA B 177 -41.26 -25.51 13.54
C ALA B 177 -40.92 -24.32 12.61
N GLN B 178 -40.29 -23.30 13.17
CA GLN B 178 -39.90 -22.13 12.38
C GLN B 178 -38.89 -22.48 11.28
N LEU B 179 -37.84 -23.20 11.64
CA LEU B 179 -36.85 -23.57 10.65
C LEU B 179 -37.51 -24.35 9.50
N ARG B 180 -38.47 -25.21 9.87
CA ARG B 180 -39.17 -26.02 8.89
C ARG B 180 -39.93 -25.12 7.94
N LEU B 181 -40.61 -24.10 8.44
CA LEU B 181 -41.31 -23.20 7.52
C LEU B 181 -40.32 -22.43 6.66
N GLU B 182 -39.13 -22.18 7.19
CA GLU B 182 -38.12 -21.46 6.46
C GLU B 182 -37.66 -22.27 5.26
N PHE B 183 -37.41 -23.56 5.50
CA PHE B 183 -36.97 -24.44 4.43
C PHE B 183 -38.09 -24.54 3.40
N GLN B 184 -39.28 -24.80 3.92
CA GLN B 184 -40.48 -24.97 3.13
C GLN B 184 -40.77 -23.81 2.20
N SER B 185 -40.73 -22.59 2.74
CA SER B 185 -41.01 -21.42 1.93
C SER B 185 -40.03 -21.32 0.78
N ARG B 186 -38.89 -22.01 0.91
CA ARG B 186 -37.87 -21.97 -0.11
C ARG B 186 -37.93 -23.24 -0.94
N GLN B 187 -38.86 -24.13 -0.59
CA GLN B 187 -38.99 -25.39 -1.32
C GLN B 187 -37.71 -26.20 -1.16
N TRP B 188 -37.16 -26.18 0.03
CA TRP B 188 -35.97 -26.95 0.28
C TRP B 188 -36.46 -28.25 0.85
N ASP B 189 -36.37 -29.32 0.08
CA ASP B 189 -36.77 -30.61 0.60
C ASP B 189 -35.53 -31.44 0.99
N ARG B 190 -34.34 -30.95 0.67
CA ARG B 190 -33.11 -31.65 1.05
C ARG B 190 -32.16 -30.61 1.70
N VAL B 191 -31.83 -30.82 2.96
CA VAL B 191 -30.99 -29.89 3.64
C VAL B 191 -29.93 -30.58 4.51
N VAL B 192 -28.64 -30.32 4.23
CA VAL B 192 -27.61 -30.92 5.06
C VAL B 192 -27.17 -29.94 6.14
N ALA B 193 -27.21 -30.41 7.38
CA ALA B 193 -26.85 -29.56 8.52
C ALA B 193 -25.42 -29.71 8.95
N PHE B 194 -24.86 -28.58 9.40
CA PHE B 194 -23.50 -28.51 9.89
C PHE B 194 -23.48 -28.03 11.35
N GLN B 195 -23.03 -28.91 12.23
CA GLN B 195 -22.87 -28.62 13.66
C GLN B 195 -21.53 -27.89 13.83
N THR B 196 -21.48 -26.95 14.76
CA THR B 196 -20.23 -26.26 15.06
C THR B 196 -20.28 -25.41 16.32
N ARG B 197 -19.16 -25.44 17.05
CA ARG B 197 -18.99 -24.70 18.29
C ARG B 197 -17.71 -23.87 18.17
N ASN B 198 -17.08 -23.93 17.01
CA ASN B 198 -15.84 -23.18 16.77
C ASN B 198 -16.01 -22.22 15.59
N PRO B 199 -15.03 -21.33 15.40
CA PRO B 199 -15.20 -20.45 14.24
C PRO B 199 -14.93 -21.32 13.01
N MET B 200 -15.52 -20.97 11.88
CA MET B 200 -15.33 -21.71 10.64
C MET B 200 -14.24 -21.06 9.79
N HIS B 201 -13.42 -21.90 9.18
CA HIS B 201 -12.31 -21.44 8.35
C HIS B 201 -12.47 -22.00 6.93
N ARG B 202 -11.50 -21.79 6.07
CA ARG B 202 -11.59 -22.29 4.71
C ARG B 202 -11.97 -23.77 4.67
N ALA B 203 -11.38 -24.57 5.54
CA ALA B 203 -11.66 -25.99 5.54
C ALA B 203 -13.14 -26.27 5.75
N HIS B 204 -13.74 -25.59 6.71
CA HIS B 204 -15.15 -25.79 7.04
C HIS B 204 -16.07 -25.38 5.93
N ARG B 205 -15.73 -24.29 5.27
CA ARG B 205 -16.52 -23.80 4.15
C ARG B 205 -16.47 -24.79 3.00
N GLU B 206 -15.32 -25.43 2.81
CA GLU B 206 -15.18 -26.37 1.71
C GLU B 206 -15.86 -27.69 1.98
N LEU B 207 -15.79 -28.18 3.20
CA LEU B 207 -16.42 -29.44 3.46
C LEU B 207 -17.95 -29.28 3.50
N THR B 208 -18.47 -28.11 3.87
CA THR B 208 -19.93 -27.94 3.87
C THR B 208 -20.45 -27.86 2.42
N VAL B 209 -19.76 -27.11 1.56
CA VAL B 209 -20.16 -27.00 0.15
C VAL B 209 -20.01 -28.37 -0.52
N ARG B 210 -18.96 -29.09 -0.16
CA ARG B 210 -18.70 -30.41 -0.70
C ARG B 210 -19.82 -31.36 -0.28
N ALA B 211 -20.33 -31.17 0.93
CA ALA B 211 -21.41 -32.00 1.40
C ALA B 211 -22.69 -31.59 0.66
N ALA B 212 -22.85 -30.30 0.39
CA ALA B 212 -24.05 -29.83 -0.30
C ALA B 212 -24.15 -30.49 -1.69
N ARG B 213 -23.01 -30.52 -2.38
CA ARG B 213 -22.91 -31.06 -3.72
C ARG B 213 -23.05 -32.58 -3.69
N GLU B 214 -22.52 -33.21 -2.64
CA GLU B 214 -22.60 -34.65 -2.50
C GLU B 214 -24.03 -35.10 -2.32
N ALA B 215 -24.73 -34.47 -1.40
CA ALA B 215 -26.09 -34.83 -1.10
C ALA B 215 -27.15 -34.09 -1.92
N ASN B 216 -26.74 -33.23 -2.82
CA ASN B 216 -27.71 -32.45 -3.59
C ASN B 216 -28.66 -31.82 -2.59
N ALA B 217 -28.13 -31.00 -1.70
CA ALA B 217 -28.96 -30.38 -0.66
C ALA B 217 -28.56 -28.97 -0.32
N LYS B 218 -29.50 -28.18 0.18
CA LYS B 218 -29.14 -26.84 0.59
C LYS B 218 -28.33 -26.97 1.88
N VAL B 219 -27.62 -25.90 2.23
CA VAL B 219 -26.79 -25.94 3.43
C VAL B 219 -27.35 -25.21 4.64
N LEU B 220 -27.33 -25.88 5.78
CA LEU B 220 -27.76 -25.25 7.02
C LEU B 220 -26.59 -25.17 8.00
N ILE B 221 -26.11 -23.95 8.26
CA ILE B 221 -25.05 -23.76 9.27
C ILE B 221 -25.85 -23.68 10.59
N HIS B 222 -25.68 -24.67 11.46
CA HIS B 222 -26.45 -24.72 12.70
C HIS B 222 -25.53 -24.69 13.94
N PRO B 223 -24.96 -23.52 14.22
CA PRO B 223 -24.05 -23.37 15.35
C PRO B 223 -24.67 -23.41 16.73
N VAL B 224 -23.93 -23.97 17.69
CA VAL B 224 -24.39 -24.04 19.07
C VAL B 224 -24.07 -22.72 19.75
N VAL B 225 -25.05 -22.15 20.43
CA VAL B 225 -24.85 -20.88 21.15
C VAL B 225 -25.28 -20.99 22.60
N GLY B 226 -25.56 -22.22 23.03
CA GLY B 226 -25.90 -22.51 24.42
C GLY B 226 -24.54 -22.83 25.03
N LEU B 227 -24.40 -23.71 26.00
CA LEU B 227 -23.08 -23.98 26.55
C LEU B 227 -22.30 -24.95 25.67
N THR B 228 -21.00 -24.75 25.59
CA THR B 228 -20.15 -25.63 24.80
C THR B 228 -18.98 -26.07 25.68
N LYS B 229 -17.78 -26.14 25.14
CA LYS B 229 -16.62 -26.55 25.91
C LYS B 229 -15.94 -25.35 26.62
N PRO B 230 -15.59 -25.51 27.91
CA PRO B 230 -14.93 -24.43 28.66
C PRO B 230 -13.71 -23.97 27.87
N GLY B 231 -13.54 -22.65 27.75
CA GLY B 231 -12.42 -22.13 27.01
C GLY B 231 -12.71 -21.91 25.53
N ASP B 232 -13.92 -22.21 25.07
CA ASP B 232 -14.23 -22.00 23.65
C ASP B 232 -14.32 -20.50 23.36
N ILE B 233 -14.27 -20.14 22.08
CA ILE B 233 -14.40 -18.75 21.70
C ILE B 233 -15.87 -18.42 21.94
N ASP B 234 -16.16 -17.30 22.60
CA ASP B 234 -17.54 -16.93 22.95
C ASP B 234 -18.52 -16.99 21.77
N HIS B 235 -19.80 -17.23 22.06
CA HIS B 235 -20.78 -17.34 21.00
C HIS B 235 -21.04 -16.05 20.22
N HIS B 236 -20.88 -14.88 20.84
CA HIS B 236 -21.15 -13.62 20.11
C HIS B 236 -20.09 -13.41 19.04
N THR B 237 -18.83 -13.64 19.39
CA THR B 237 -17.75 -13.52 18.43
C THR B 237 -17.97 -14.55 17.29
N ARG B 238 -18.42 -15.75 17.67
CA ARG B 238 -18.66 -16.78 16.68
C ARG B 238 -19.79 -16.45 15.70
N VAL B 239 -20.89 -15.89 16.21
CA VAL B 239 -21.99 -15.56 15.32
C VAL B 239 -21.47 -14.58 14.28
N ARG B 240 -20.67 -13.61 14.72
CA ARG B 240 -20.09 -12.65 13.77
C ARG B 240 -19.23 -13.42 12.78
N VAL B 241 -18.41 -14.36 13.24
CA VAL B 241 -17.63 -15.12 12.28
C VAL B 241 -18.60 -15.87 11.33
N TYR B 242 -19.67 -16.46 11.88
CA TYR B 242 -20.64 -17.20 11.05
C TYR B 242 -21.31 -16.28 10.05
N GLN B 243 -21.87 -15.18 10.51
CA GLN B 243 -22.55 -14.27 9.59
C GLN B 243 -21.63 -13.72 8.51
N GLU B 244 -20.33 -13.76 8.77
CA GLU B 244 -19.39 -13.29 7.80
C GLU B 244 -19.09 -14.39 6.78
N ILE B 245 -18.87 -15.60 7.24
CA ILE B 245 -18.55 -16.69 6.32
C ILE B 245 -19.75 -17.17 5.46
N ILE B 246 -20.97 -16.91 5.90
CA ILE B 246 -22.10 -17.37 5.11
C ILE B 246 -22.17 -16.65 3.78
N LYS B 247 -21.45 -15.53 3.68
CA LYS B 247 -21.41 -14.72 2.46
C LYS B 247 -20.40 -15.25 1.45
N ARG B 248 -19.60 -16.23 1.85
CA ARG B 248 -18.61 -16.81 0.95
C ARG B 248 -19.23 -18.03 0.29
N TYR B 249 -20.53 -18.20 0.50
CA TYR B 249 -21.24 -19.30 -0.13
C TYR B 249 -21.98 -18.74 -1.32
N PRO B 250 -22.22 -19.56 -2.36
CA PRO B 250 -22.96 -18.98 -3.49
C PRO B 250 -24.35 -18.55 -2.99
N ASN B 251 -24.80 -17.41 -3.48
CA ASN B 251 -26.09 -16.84 -3.09
C ASN B 251 -27.20 -17.85 -3.21
N GLY B 252 -28.00 -17.97 -2.15
CA GLY B 252 -29.13 -18.88 -2.16
C GLY B 252 -28.85 -20.32 -1.78
N ILE B 253 -27.64 -20.63 -1.32
CA ILE B 253 -27.33 -22.01 -0.97
C ILE B 253 -27.32 -22.36 0.52
N ALA B 254 -27.06 -21.36 1.36
CA ALA B 254 -26.98 -21.61 2.79
C ALA B 254 -27.95 -20.82 3.63
N PHE B 255 -28.23 -21.33 4.83
CA PHE B 255 -29.11 -20.66 5.77
C PHE B 255 -28.46 -20.82 7.13
N LEU B 256 -28.45 -19.74 7.91
CA LEU B 256 -27.86 -19.76 9.24
C LEU B 256 -28.96 -19.73 10.31
N SER B 257 -28.84 -20.61 11.30
CA SER B 257 -29.79 -20.65 12.39
C SER B 257 -29.00 -20.97 13.68
N LEU B 258 -29.36 -20.31 14.78
CA LEU B 258 -28.65 -20.53 16.04
C LEU B 258 -29.35 -21.61 16.85
N LEU B 259 -28.53 -22.46 17.47
CA LEU B 259 -29.04 -23.58 18.27
C LEU B 259 -28.60 -23.40 19.72
N PRO B 260 -29.56 -23.14 20.63
CA PRO B 260 -29.28 -22.94 22.05
C PRO B 260 -29.09 -24.23 22.85
N LEU B 261 -28.35 -25.16 22.26
CA LEU B 261 -28.07 -26.45 22.88
C LEU B 261 -26.93 -26.37 23.88
N ALA B 262 -26.95 -27.21 24.89
CA ALA B 262 -25.85 -27.26 25.83
C ALA B 262 -25.12 -28.58 25.51
N MET B 263 -23.97 -28.48 24.87
CA MET B 263 -23.24 -29.67 24.53
C MET B 263 -22.69 -30.35 25.77
N ARG B 264 -22.31 -31.62 25.63
CA ARG B 264 -21.71 -32.33 26.74
C ARG B 264 -20.32 -32.75 26.25
N MET B 265 -19.94 -32.25 25.07
CA MET B 265 -18.68 -32.61 24.44
C MET B 265 -18.53 -34.12 24.58
N SER B 266 -19.60 -34.86 24.26
CA SER B 266 -19.58 -36.30 24.42
C SER B 266 -19.38 -37.13 23.16
N GLY B 267 -18.39 -36.73 22.38
CA GLY B 267 -18.02 -37.43 21.18
C GLY B 267 -19.07 -38.27 20.48
N ASP B 268 -18.75 -39.54 20.22
CA ASP B 268 -19.67 -40.41 19.54
C ASP B 268 -21.10 -40.40 20.07
N ARG B 269 -21.29 -40.46 21.40
CA ARG B 269 -22.67 -40.43 21.89
C ARG B 269 -23.34 -39.13 21.46
N GLU B 270 -22.62 -38.02 21.62
CA GLU B 270 -23.16 -36.72 21.27
C GLU B 270 -23.54 -36.60 19.79
N ALA B 271 -22.70 -37.14 18.90
CA ALA B 271 -22.99 -37.07 17.47
C ALA B 271 -24.36 -37.70 17.18
N VAL B 272 -24.63 -38.85 17.79
CA VAL B 272 -25.89 -39.56 17.62
C VAL B 272 -27.01 -38.58 18.03
N TRP B 273 -26.80 -37.97 19.18
CA TRP B 273 -27.74 -37.01 19.73
C TRP B 273 -27.93 -35.81 18.77
N HIS B 274 -26.83 -35.29 18.24
CA HIS B 274 -26.91 -34.15 17.33
C HIS B 274 -27.76 -34.49 16.11
N ALA B 275 -27.59 -35.71 15.59
CA ALA B 275 -28.32 -36.14 14.42
C ALA B 275 -29.83 -36.13 14.73
N ILE B 276 -30.19 -36.74 15.86
CA ILE B 276 -31.57 -36.77 16.28
C ILE B 276 -32.08 -35.32 16.34
N ILE B 277 -31.30 -34.46 16.97
CA ILE B 277 -31.68 -33.07 17.09
C ILE B 277 -31.80 -32.40 15.72
N ARG B 278 -30.88 -32.66 14.80
CA ARG B 278 -31.00 -32.01 13.50
C ARG B 278 -32.20 -32.52 12.71
N LYS B 279 -32.56 -33.80 12.91
CA LYS B 279 -33.72 -34.36 12.23
C LYS B 279 -34.96 -33.66 12.77
N ASN B 280 -34.98 -33.43 14.08
CA ASN B 280 -36.12 -32.76 14.67
C ASN B 280 -36.26 -31.35 14.11
N TYR B 281 -35.13 -30.71 13.84
CA TYR B 281 -35.13 -29.34 13.34
C TYR B 281 -35.42 -29.22 11.85
N GLY B 282 -35.59 -30.35 11.19
CA GLY B 282 -35.91 -30.32 9.79
C GLY B 282 -34.83 -30.60 8.77
N ALA B 283 -33.70 -31.15 9.20
CA ALA B 283 -32.65 -31.46 8.24
C ALA B 283 -32.83 -32.90 7.73
N SER B 284 -32.42 -33.13 6.50
CA SER B 284 -32.52 -34.46 5.91
C SER B 284 -31.15 -35.14 5.92
N HIS B 285 -30.12 -34.33 6.15
CA HIS B 285 -28.75 -34.82 6.19
C HIS B 285 -28.01 -34.11 7.31
N PHE B 286 -26.99 -34.77 7.84
CA PHE B 286 -26.17 -34.25 8.93
C PHE B 286 -24.70 -34.65 8.74
N ILE B 287 -23.82 -33.66 8.89
CA ILE B 287 -22.39 -33.86 8.72
C ILE B 287 -21.73 -34.32 10.02
N VAL B 288 -20.83 -35.29 9.93
CA VAL B 288 -20.09 -35.79 11.09
C VAL B 288 -18.64 -35.90 10.63
N GLY B 289 -17.81 -34.94 11.01
CA GLY B 289 -16.43 -34.95 10.60
C GLY B 289 -15.49 -35.63 11.58
N ARG B 290 -14.23 -35.21 11.56
CA ARG B 290 -13.24 -35.79 12.45
C ARG B 290 -13.45 -35.31 13.88
N ASP B 291 -13.30 -36.24 14.83
CA ASP B 291 -13.48 -35.95 16.24
C ASP B 291 -14.73 -35.13 16.58
N HIS B 292 -15.81 -35.40 15.87
CA HIS B 292 -17.07 -34.70 16.06
C HIS B 292 -17.40 -34.58 17.54
N ALA B 293 -17.68 -33.35 17.97
CA ALA B 293 -18.04 -33.08 19.35
C ALA B 293 -17.07 -33.66 20.39
N GLY B 294 -15.83 -33.94 20.00
CA GLY B 294 -14.88 -34.48 20.95
C GLY B 294 -14.10 -33.40 21.70
N PRO B 295 -13.76 -33.62 22.99
CA PRO B 295 -13.01 -32.57 23.69
C PRO B 295 -11.47 -32.63 23.56
N GLY B 296 -10.97 -33.27 22.52
CA GLY B 296 -9.54 -33.35 22.34
C GLY B 296 -8.80 -34.43 23.13
N LYS B 297 -7.75 -34.00 23.82
CA LYS B 297 -6.90 -34.88 24.62
C LYS B 297 -6.88 -34.41 26.06
N ASN B 298 -6.56 -35.31 26.98
CA ASN B 298 -6.47 -34.98 28.41
C ASN B 298 -5.07 -34.50 28.76
N SER B 299 -4.88 -33.99 29.97
CA SER B 299 -3.56 -33.50 30.38
C SER B 299 -2.44 -34.49 30.08
N LYS B 300 -2.76 -35.78 30.00
CA LYS B 300 -1.73 -36.76 29.70
C LYS B 300 -1.46 -36.92 28.19
N GLY B 301 -2.11 -36.09 27.38
CA GLY B 301 -1.92 -36.17 25.94
C GLY B 301 -2.72 -37.24 25.21
N VAL B 302 -3.62 -37.92 25.91
CA VAL B 302 -4.42 -38.97 25.28
C VAL B 302 -5.85 -38.55 24.90
N ASP B 303 -6.26 -39.06 23.74
CA ASP B 303 -7.57 -38.83 23.14
C ASP B 303 -8.74 -39.25 24.02
N PHE B 304 -9.76 -38.40 24.12
CA PHE B 304 -10.96 -38.75 24.88
C PHE B 304 -11.74 -39.76 24.06
N TYR B 305 -11.71 -39.56 22.74
CA TYR B 305 -12.37 -40.42 21.79
C TYR B 305 -11.42 -40.53 20.61
N GLY B 306 -11.57 -41.59 19.83
CA GLY B 306 -10.74 -41.77 18.65
C GLY B 306 -11.23 -40.78 17.60
N PRO B 307 -10.35 -40.33 16.70
CA PRO B 307 -10.79 -39.38 15.68
C PRO B 307 -12.06 -39.73 14.89
N TYR B 308 -12.40 -41.01 14.81
CA TYR B 308 -13.60 -41.37 14.05
C TYR B 308 -14.58 -42.24 14.78
N ASP B 309 -14.53 -42.22 16.12
CA ASP B 309 -15.46 -43.02 16.88
C ASP B 309 -16.89 -42.57 16.56
N ALA B 310 -17.10 -41.26 16.51
CA ALA B 310 -18.42 -40.71 16.24
C ALA B 310 -18.94 -41.19 14.91
N GLN B 311 -18.11 -41.14 13.88
CA GLN B 311 -18.56 -41.62 12.60
C GLN B 311 -18.97 -43.07 12.73
N GLU B 312 -18.17 -43.86 13.44
CA GLU B 312 -18.49 -45.27 13.62
C GLU B 312 -19.79 -45.52 14.38
N LEU B 313 -19.98 -44.85 15.51
CA LEU B 313 -21.20 -45.03 16.27
C LEU B 313 -22.43 -44.64 15.43
N VAL B 314 -22.34 -43.51 14.76
CA VAL B 314 -23.42 -43.01 13.92
C VAL B 314 -23.70 -44.00 12.78
N GLU B 315 -22.63 -44.53 12.18
CA GLU B 315 -22.81 -45.48 11.11
C GLU B 315 -23.62 -46.69 11.57
N SER B 316 -23.37 -47.13 12.80
CA SER B 316 -24.06 -48.30 13.36
C SER B 316 -25.54 -48.10 13.65
N TYR B 317 -25.98 -46.85 13.81
CA TYR B 317 -27.40 -46.58 14.07
C TYR B 317 -28.02 -46.02 12.78
N LYS B 318 -27.23 -46.04 11.72
CA LYS B 318 -27.65 -45.55 10.43
C LYS B 318 -29.09 -45.83 10.01
N HIS B 319 -29.51 -47.08 10.16
CA HIS B 319 -30.85 -47.45 9.72
C HIS B 319 -32.00 -47.06 10.61
N GLU B 320 -31.71 -46.62 11.83
CA GLU B 320 -32.85 -46.21 12.62
C GLU B 320 -32.88 -44.70 12.88
N LEU B 321 -31.78 -44.02 12.54
CA LEU B 321 -31.64 -42.58 12.71
C LEU B 321 -32.63 -41.81 11.85
N ASP B 322 -32.87 -42.31 10.66
CA ASP B 322 -33.81 -41.66 9.77
C ASP B 322 -33.39 -40.26 9.36
N ILE B 323 -32.08 -40.08 9.30
CA ILE B 323 -31.49 -38.84 8.83
C ILE B 323 -30.16 -39.31 8.22
N GLU B 324 -29.90 -38.84 7.00
CA GLU B 324 -28.72 -39.19 6.24
C GLU B 324 -27.43 -38.54 6.74
N VAL B 325 -26.46 -39.36 7.15
CA VAL B 325 -25.19 -38.84 7.64
C VAL B 325 -24.15 -38.69 6.54
N VAL B 326 -23.53 -37.53 6.47
CA VAL B 326 -22.52 -37.27 5.46
C VAL B 326 -21.18 -37.22 6.22
N PRO B 327 -20.41 -38.32 6.19
CA PRO B 327 -19.14 -38.34 6.88
C PRO B 327 -17.96 -37.78 6.12
N PHE B 328 -16.99 -37.32 6.88
CA PHE B 328 -15.80 -36.74 6.31
C PHE B 328 -14.59 -37.10 7.13
N ARG B 329 -13.53 -37.43 6.43
CA ARG B 329 -12.24 -37.74 7.02
C ARG B 329 -11.63 -36.34 7.08
N MET B 330 -10.51 -36.23 7.78
CA MET B 330 -9.80 -34.96 7.94
C MET B 330 -9.65 -34.15 6.64
N VAL B 331 -10.37 -33.04 6.50
CA VAL B 331 -10.18 -32.26 5.28
C VAL B 331 -9.00 -31.34 5.58
N THR B 332 -8.00 -31.39 4.71
CA THR B 332 -6.82 -30.58 4.89
C THR B 332 -6.47 -29.75 3.67
N TYR B 333 -5.49 -28.88 3.84
CA TYR B 333 -5.06 -28.00 2.76
C TYR B 333 -3.94 -28.59 1.91
N LEU B 334 -3.99 -28.33 0.61
CA LEU B 334 -2.98 -28.81 -0.32
C LEU B 334 -2.20 -27.63 -0.89
N PRO B 335 -1.00 -27.36 -0.32
CA PRO B 335 -0.15 -26.26 -0.78
C PRO B 335 0.03 -26.26 -2.30
N ASP B 336 0.59 -27.37 -2.82
CA ASP B 336 0.88 -27.52 -4.25
C ASP B 336 -0.30 -27.38 -5.20
N GLU B 337 -1.52 -27.56 -4.72
CA GLU B 337 -2.70 -27.42 -5.57
C GLU B 337 -3.62 -26.29 -5.08
N ASP B 338 -3.23 -25.61 -4.00
CA ASP B 338 -4.01 -24.53 -3.39
C ASP B 338 -5.51 -24.88 -3.36
N ARG B 339 -5.82 -25.97 -2.68
CA ARG B 339 -7.20 -26.41 -2.54
C ARG B 339 -7.30 -27.26 -1.28
N TYR B 340 -8.54 -27.57 -0.91
CA TYR B 340 -8.78 -28.36 0.28
C TYR B 340 -9.33 -29.68 -0.13
N ALA B 341 -9.05 -30.71 0.66
CA ALA B 341 -9.55 -32.02 0.33
C ALA B 341 -9.46 -32.99 1.49
N PRO B 342 -10.37 -33.98 1.50
CA PRO B 342 -10.45 -35.03 2.53
C PRO B 342 -9.15 -35.83 2.46
N ILE B 343 -8.50 -36.02 3.60
CA ILE B 343 -7.23 -36.76 3.64
C ILE B 343 -7.32 -38.18 3.05
N ASP B 344 -8.52 -38.75 2.99
CA ASP B 344 -8.71 -40.09 2.46
C ASP B 344 -8.72 -40.13 0.93
N GLN B 345 -8.67 -38.96 0.30
CA GLN B 345 -8.65 -38.88 -1.15
C GLN B 345 -7.25 -38.48 -1.62
N ILE B 346 -6.34 -38.24 -0.67
CA ILE B 346 -4.98 -37.84 -1.01
C ILE B 346 -3.89 -38.61 -0.28
N ASP B 347 -2.74 -37.95 -0.18
CA ASP B 347 -1.51 -38.43 0.44
C ASP B 347 -0.81 -39.54 -0.31
N THR B 348 -0.40 -40.57 0.44
CA THR B 348 0.35 -41.67 -0.13
C THR B 348 1.61 -40.97 -0.59
N THR B 349 1.93 -39.88 0.12
CA THR B 349 3.07 -39.05 -0.20
C THR B 349 2.61 -38.35 -1.48
N LYS B 350 3.50 -38.16 -2.44
CA LYS B 350 3.15 -37.52 -3.71
C LYS B 350 2.59 -36.09 -3.60
N THR B 351 1.74 -35.84 -2.59
CA THR B 351 1.15 -34.51 -2.38
C THR B 351 1.35 -34.07 -0.92
N ARG B 352 1.94 -32.88 -0.74
CA ARG B 352 2.18 -32.34 0.60
C ARG B 352 0.92 -31.64 1.11
N THR B 353 0.66 -31.79 2.41
CA THR B 353 -0.50 -31.16 3.01
C THR B 353 -0.12 -30.25 4.15
N LEU B 354 -0.97 -29.26 4.40
CA LEU B 354 -0.73 -28.31 5.48
C LEU B 354 -1.96 -28.13 6.35
N ASN B 355 -1.75 -28.05 7.65
CA ASN B 355 -2.83 -27.87 8.59
C ASN B 355 -2.38 -26.98 9.76
N ILE B 356 -3.30 -26.17 10.27
CA ILE B 356 -3.01 -25.32 11.40
C ILE B 356 -3.97 -25.73 12.50
N SER B 357 -3.46 -26.41 13.51
CA SER B 357 -4.31 -26.86 14.61
C SER B 357 -4.83 -25.69 15.43
N GLY B 358 -5.90 -25.93 16.18
CA GLY B 358 -6.48 -24.91 17.02
C GLY B 358 -5.44 -24.39 18.00
N THR B 359 -4.56 -25.25 18.46
CA THR B 359 -3.52 -24.86 19.39
C THR B 359 -2.60 -23.87 18.69
N GLU B 360 -2.27 -24.16 17.44
CA GLU B 360 -1.40 -23.28 16.68
C GLU B 360 -2.06 -21.92 16.46
N LEU B 361 -3.38 -21.93 16.24
CA LEU B 361 -4.11 -20.68 16.00
C LEU B 361 -4.18 -19.81 17.26
N ARG B 362 -4.56 -20.41 18.40
CA ARG B 362 -4.64 -19.67 19.66
C ARG B 362 -3.34 -18.93 19.86
N ARG B 363 -2.25 -19.64 19.59
CA ARG B 363 -0.90 -19.11 19.74
C ARG B 363 -0.65 -17.97 18.76
N ARG B 364 -1.06 -18.14 17.52
CA ARG B 364 -0.82 -17.06 16.56
C ARG B 364 -1.58 -15.83 17.02
N LEU B 365 -2.79 -16.06 17.55
CA LEU B 365 -3.65 -15.00 18.05
C LEU B 365 -3.05 -14.34 19.31
N ARG B 366 -2.36 -15.12 20.12
CA ARG B 366 -1.74 -14.63 21.33
C ARG B 366 -0.49 -13.80 21.08
N VAL B 367 0.25 -14.10 20.03
CA VAL B 367 1.46 -13.34 19.73
C VAL B 367 1.27 -12.26 18.67
N GLY B 368 0.14 -12.30 17.98
CA GLY B 368 -0.11 -11.31 16.94
C GLY B 368 0.54 -11.77 15.65
N GLY B 369 0.85 -13.06 15.57
CA GLY B 369 1.47 -13.61 14.38
C GLY B 369 0.49 -13.65 13.22
N GLU B 370 1.01 -13.73 12.00
CA GLU B 370 0.15 -13.76 10.83
C GLU B 370 -0.50 -15.14 10.64
N ILE B 371 -1.71 -15.11 10.09
CA ILE B 371 -2.47 -16.31 9.84
C ILE B 371 -2.75 -16.34 8.34
N PRO B 372 -2.22 -17.37 7.67
CA PRO B 372 -2.30 -17.66 6.23
C PRO B 372 -3.63 -17.35 5.53
N GLU B 373 -3.50 -16.71 4.36
CA GLU B 373 -4.64 -16.34 3.52
C GLU B 373 -5.42 -17.60 3.14
N TRP B 374 -4.70 -18.72 3.03
CA TRP B 374 -5.32 -19.99 2.65
C TRP B 374 -6.05 -20.68 3.79
N PHE B 375 -5.68 -20.35 5.03
CA PHE B 375 -6.29 -20.98 6.19
C PHE B 375 -7.73 -20.56 6.49
N SER B 376 -7.93 -19.24 6.62
CA SER B 376 -9.23 -18.69 6.92
C SER B 376 -9.48 -17.48 6.04
N TYR B 377 -10.64 -16.84 6.17
CA TYR B 377 -10.94 -15.64 5.39
C TYR B 377 -10.44 -14.45 6.21
N PRO B 378 -9.81 -13.48 5.56
CA PRO B 378 -9.28 -12.29 6.25
C PRO B 378 -10.26 -11.63 7.21
N GLU B 379 -11.48 -11.36 6.75
CA GLU B 379 -12.47 -10.73 7.60
C GLU B 379 -12.83 -11.61 8.82
N VAL B 380 -12.64 -12.92 8.71
CA VAL B 380 -12.91 -13.80 9.84
C VAL B 380 -11.76 -13.68 10.82
N VAL B 381 -10.53 -13.63 10.31
CA VAL B 381 -9.37 -13.50 11.18
C VAL B 381 -9.43 -12.18 11.96
N LYS B 382 -9.87 -11.13 11.27
CA LYS B 382 -10.01 -9.78 11.85
C LYS B 382 -10.97 -9.86 13.04
N ILE B 383 -12.12 -10.50 12.83
CA ILE B 383 -13.08 -10.62 13.92
C ILE B 383 -12.50 -11.41 15.09
N LEU B 384 -11.65 -12.38 14.77
CA LEU B 384 -11.10 -13.17 15.83
C LEU B 384 -10.01 -12.43 16.59
N ARG B 385 -9.19 -11.67 15.88
CA ARG B 385 -8.11 -10.93 16.52
C ARG B 385 -8.68 -9.86 17.45
N GLU B 386 -9.80 -9.28 17.01
CA GLU B 386 -10.44 -8.23 17.75
C GLU B 386 -11.01 -8.71 19.10
N SER B 387 -11.50 -9.95 19.15
CA SER B 387 -12.07 -10.43 20.40
C SER B 387 -11.12 -11.29 21.23
N ASN B 388 -9.99 -11.66 20.63
CA ASN B 388 -8.97 -12.46 21.30
C ASN B 388 -7.66 -11.77 20.94
N PRO B 389 -7.49 -10.54 21.47
CA PRO B 389 -6.31 -9.71 21.24
C PRO B 389 -4.97 -10.30 21.66
N PRO B 390 -3.93 -9.95 20.91
CA PRO B 390 -2.60 -10.44 21.19
C PRO B 390 -2.11 -9.86 22.53
N ARG B 391 -1.11 -10.51 23.12
CA ARG B 391 -0.58 -10.11 24.42
C ARG B 391 -0.40 -8.60 24.69
N PRO B 392 0.19 -7.86 23.75
CA PRO B 392 0.33 -6.43 24.06
C PRO B 392 -0.96 -5.67 24.29
N LYS B 393 -2.11 -6.31 24.04
CA LYS B 393 -3.42 -5.66 24.25
C LYS B 393 -4.17 -6.34 25.38
N GLN B 394 -3.54 -7.35 25.97
CA GLN B 394 -4.14 -8.11 27.06
C GLN B 394 -3.96 -7.53 28.45
N GLY B 395 -4.87 -7.91 29.33
CA GLY B 395 -4.79 -7.44 30.71
C GLY B 395 -3.98 -8.42 31.53
N PHE B 396 -3.67 -8.04 32.75
CA PHE B 396 -2.85 -8.88 33.60
C PHE B 396 -2.82 -8.28 34.99
N SER B 397 -2.38 -9.09 35.96
CA SER B 397 -2.28 -8.63 37.33
C SER B 397 -0.99 -9.15 37.90
N ILE B 398 -0.35 -8.31 38.71
CA ILE B 398 0.87 -8.70 39.41
C ILE B 398 0.45 -8.65 40.87
N VAL B 399 0.58 -9.79 41.54
CA VAL B 399 0.20 -9.92 42.93
C VAL B 399 1.45 -9.95 43.80
N LEU B 400 1.54 -9.01 44.76
CA LEU B 400 2.69 -8.95 45.66
C LEU B 400 2.56 -10.02 46.74
N GLY B 401 3.38 -11.06 46.61
CA GLY B 401 3.33 -12.16 47.56
C GLY B 401 3.48 -11.86 49.04
N ASN B 402 3.07 -12.84 49.84
CA ASN B 402 3.13 -12.75 51.30
C ASN B 402 4.55 -12.58 51.81
N SER B 403 5.48 -13.27 51.16
CA SER B 403 6.87 -13.25 51.55
C SER B 403 7.56 -11.90 51.40
N LEU B 404 6.98 -10.99 50.63
CA LEU B 404 7.63 -9.69 50.48
C LEU B 404 7.89 -9.00 51.80
N THR B 405 9.08 -8.43 51.91
CA THR B 405 9.50 -7.68 53.08
C THR B 405 9.66 -6.19 52.79
N VAL B 406 9.74 -5.84 51.52
CA VAL B 406 9.88 -4.44 51.12
C VAL B 406 8.54 -3.73 51.33
N SER B 407 8.55 -2.41 51.18
CA SER B 407 7.34 -1.64 51.32
C SER B 407 6.33 -1.97 50.21
N ARG B 408 5.20 -2.57 50.59
CA ARG B 408 4.18 -2.87 49.59
C ARG B 408 3.66 -1.59 48.96
N GLU B 409 3.51 -0.52 49.75
CA GLU B 409 3.00 0.73 49.18
C GLU B 409 4.00 1.27 48.15
N GLN B 410 5.29 1.24 48.50
CA GLN B 410 6.29 1.75 47.58
C GLN B 410 6.55 0.88 46.37
N LEU B 411 6.48 -0.46 46.53
CA LEU B 411 6.72 -1.35 45.42
C LEU B 411 5.60 -1.20 44.38
N SER B 412 4.39 -1.01 44.87
CA SER B 412 3.24 -0.83 44.01
C SER B 412 3.36 0.46 43.21
N ILE B 413 3.72 1.54 43.89
CA ILE B 413 3.85 2.83 43.24
C ILE B 413 4.92 2.79 42.14
N ALA B 414 6.04 2.16 42.45
CA ALA B 414 7.13 2.04 41.50
C ALA B 414 6.69 1.27 40.24
N LEU B 415 5.94 0.19 40.43
CA LEU B 415 5.48 -0.62 39.31
C LEU B 415 4.50 0.21 38.49
N LEU B 416 3.63 0.94 39.18
CA LEU B 416 2.63 1.77 38.49
C LEU B 416 3.28 2.86 37.61
N SER B 417 4.28 3.54 38.14
CA SER B 417 4.94 4.59 37.39
C SER B 417 5.80 4.05 36.26
N THR B 418 6.39 2.89 36.47
CA THR B 418 7.24 2.28 35.47
C THR B 418 6.39 1.89 34.28
N PHE B 419 5.31 1.16 34.57
CA PHE B 419 4.37 0.71 33.55
C PHE B 419 3.78 1.89 32.80
N LEU B 420 3.43 2.94 33.53
CA LEU B 420 2.85 4.13 32.90
C LEU B 420 3.76 4.85 31.91
N GLN B 421 5.05 4.59 31.96
CA GLN B 421 5.96 5.27 31.07
C GLN B 421 6.06 4.59 29.72
N PHE B 422 5.63 3.34 29.66
CA PHE B 422 5.67 2.57 28.44
C PHE B 422 4.57 3.01 27.47
N GLY B 423 3.39 3.34 27.99
CA GLY B 423 2.31 3.75 27.12
C GLY B 423 1.90 2.65 26.16
N GLY B 424 0.95 2.95 25.28
CA GLY B 424 0.51 1.94 24.35
C GLY B 424 -0.95 1.68 24.66
N GLY B 425 -1.57 2.64 25.33
CA GLY B 425 -2.98 2.50 25.64
C GLY B 425 -3.48 1.61 26.75
N ARG B 426 -2.61 0.97 27.52
CA ARG B 426 -3.15 0.15 28.60
C ARG B 426 -3.45 1.02 29.84
N TYR B 427 -4.46 0.64 30.62
CA TYR B 427 -4.86 1.37 31.81
C TYR B 427 -4.42 0.57 33.05
N TYR B 428 -3.72 1.23 33.97
CA TYR B 428 -3.20 0.57 35.17
C TYR B 428 -3.81 1.07 36.47
N LYS B 429 -3.80 0.21 37.48
CA LYS B 429 -4.33 0.58 38.79
C LYS B 429 -3.76 -0.25 39.95
N ILE B 430 -3.55 0.40 41.09
CA ILE B 430 -3.11 -0.34 42.28
C ILE B 430 -4.48 -0.83 42.75
N PHE B 431 -4.66 -2.13 42.94
CA PHE B 431 -5.97 -2.63 43.31
C PHE B 431 -6.05 -3.35 44.64
N GLU B 432 -6.69 -2.71 45.62
CA GLU B 432 -6.84 -3.30 46.94
C GLU B 432 -8.16 -4.02 47.08
N HIS B 433 -8.10 -5.33 47.27
CA HIS B 433 -9.31 -6.13 47.43
C HIS B 433 -9.68 -6.30 48.90
N ASN B 434 -8.70 -6.17 49.78
CA ASN B 434 -8.91 -6.34 51.21
C ASN B 434 -9.72 -7.59 51.47
N ASN B 435 -9.43 -8.62 50.71
CA ASN B 435 -10.10 -9.89 50.84
C ASN B 435 -11.62 -9.93 50.61
N LYS B 436 -12.19 -8.82 50.16
CA LYS B 436 -13.63 -8.77 49.90
C LYS B 436 -13.98 -9.44 48.58
N THR B 437 -15.02 -10.26 48.59
CA THR B 437 -15.44 -10.98 47.40
C THR B 437 -15.93 -10.01 46.33
N GLU B 438 -16.63 -8.96 46.75
CA GLU B 438 -17.13 -7.98 45.80
C GLU B 438 -15.99 -7.47 44.95
N LEU B 439 -14.85 -7.23 45.61
CA LEU B 439 -13.68 -6.74 44.92
C LEU B 439 -12.96 -7.85 44.17
N LEU B 440 -12.64 -8.93 44.86
CA LEU B 440 -11.94 -10.06 44.24
C LEU B 440 -12.54 -10.51 42.91
N SER B 441 -13.85 -10.39 42.79
CA SER B 441 -14.53 -10.83 41.58
C SER B 441 -14.41 -9.87 40.41
N LEU B 442 -13.94 -8.65 40.67
CA LEU B 442 -13.77 -7.69 39.61
C LEU B 442 -12.40 -7.84 38.93
N ILE B 443 -11.47 -8.54 39.59
CA ILE B 443 -10.13 -8.71 39.03
C ILE B 443 -10.10 -9.17 37.58
N GLN B 444 -10.86 -10.23 37.26
CA GLN B 444 -10.88 -10.72 35.89
C GLN B 444 -11.65 -9.79 34.94
N ASP B 445 -12.50 -8.92 35.50
CA ASP B 445 -13.22 -7.98 34.65
C ASP B 445 -12.21 -6.97 34.09
N PHE B 446 -11.36 -6.45 34.98
CA PHE B 446 -10.32 -5.50 34.59
C PHE B 446 -9.38 -6.15 33.58
N ILE B 447 -8.94 -7.37 33.88
CA ILE B 447 -8.05 -8.10 32.97
C ILE B 447 -8.75 -8.26 31.61
N GLY B 448 -10.03 -8.58 31.67
CA GLY B 448 -10.80 -8.74 30.46
C GLY B 448 -10.86 -7.43 29.68
N SER B 449 -10.73 -6.32 30.38
CA SER B 449 -10.78 -5.01 29.77
C SER B 449 -9.40 -4.58 29.26
N GLY B 450 -8.40 -5.41 29.51
CA GLY B 450 -7.06 -5.12 29.04
C GLY B 450 -6.18 -4.35 30.00
N SER B 451 -6.69 -4.10 31.20
CA SER B 451 -5.98 -3.35 32.23
C SER B 451 -4.92 -4.15 32.98
N GLY B 452 -3.97 -3.41 33.54
CA GLY B 452 -2.90 -4.03 34.31
C GLY B 452 -3.13 -3.72 35.77
N LEU B 453 -3.28 -4.75 36.59
CA LEU B 453 -3.52 -4.53 38.01
C LEU B 453 -2.32 -4.91 38.87
N ILE B 454 -1.91 -3.97 39.72
CA ILE B 454 -0.80 -4.17 40.67
C ILE B 454 -1.54 -4.53 42.00
N ILE B 455 -1.41 -5.76 42.48
CA ILE B 455 -2.10 -6.11 43.70
C ILE B 455 -1.18 -6.19 44.93
N PRO B 456 -1.27 -5.19 45.83
CA PRO B 456 -0.50 -5.04 47.08
C PRO B 456 -0.28 -6.26 47.98
N ASP B 457 -1.23 -7.18 48.03
CA ASP B 457 -1.10 -8.39 48.83
C ASP B 457 -2.09 -9.46 48.42
N GLN B 458 -1.80 -10.70 48.79
CA GLN B 458 -2.66 -11.83 48.43
C GLN B 458 -3.98 -11.90 49.17
N TRP B 459 -4.89 -12.68 48.60
CA TRP B 459 -6.18 -12.90 49.22
C TRP B 459 -6.03 -14.27 49.88
N GLU B 460 -6.78 -14.49 50.97
CA GLU B 460 -6.72 -15.76 51.68
C GLU B 460 -7.21 -16.90 50.77
N ASP B 461 -6.67 -18.10 50.99
CA ASP B 461 -7.00 -19.28 50.18
C ASP B 461 -8.48 -19.61 50.01
N ASP B 462 -9.28 -19.40 51.06
CA ASP B 462 -10.70 -19.70 50.95
C ASP B 462 -11.37 -18.87 49.86
N LYS B 463 -10.81 -17.70 49.58
CA LYS B 463 -11.37 -16.81 48.56
C LYS B 463 -10.83 -17.05 47.14
N ASP B 464 -9.71 -17.74 47.03
CA ASP B 464 -9.07 -18.00 45.75
C ASP B 464 -10.01 -18.42 44.61
N SER B 465 -10.99 -19.23 44.93
CA SER B 465 -11.92 -19.68 43.91
C SER B 465 -12.70 -18.52 43.26
N VAL B 466 -12.75 -17.37 43.91
CA VAL B 466 -13.49 -16.22 43.39
C VAL B 466 -12.80 -15.52 42.21
N VAL B 467 -11.51 -15.78 42.09
CA VAL B 467 -10.65 -15.16 41.09
C VAL B 467 -10.16 -16.11 39.99
N GLY B 468 -10.36 -15.72 38.73
CA GLY B 468 -9.84 -16.54 37.66
C GLY B 468 -8.32 -16.35 37.70
N LYS B 469 -7.53 -17.34 37.32
CA LYS B 469 -6.08 -17.16 37.38
C LYS B 469 -5.45 -16.69 36.05
N GLN B 470 -6.29 -16.51 35.05
CA GLN B 470 -5.86 -16.06 33.73
C GLN B 470 -5.09 -14.74 33.77
N ASN B 471 -3.84 -14.78 33.33
CA ASN B 471 -2.98 -13.59 33.31
C ASN B 471 -2.75 -12.98 34.70
N VAL B 472 -2.91 -13.79 35.73
CA VAL B 472 -2.68 -13.34 37.09
C VAL B 472 -1.32 -13.93 37.50
N TYR B 473 -0.35 -13.08 37.80
CA TYR B 473 0.99 -13.56 38.14
C TYR B 473 1.44 -13.23 39.55
N LEU B 474 2.11 -14.21 40.19
CA LEU B 474 2.58 -14.09 41.58
C LEU B 474 4.06 -13.72 41.73
N LEU B 475 4.30 -12.62 42.44
CA LEU B 475 5.66 -12.14 42.71
C LEU B 475 5.96 -12.58 44.14
N ASP B 476 6.96 -13.44 44.32
CA ASP B 476 7.23 -13.96 45.65
C ASP B 476 8.55 -14.72 45.69
N THR B 477 9.00 -15.08 46.88
CA THR B 477 10.25 -15.82 47.01
C THR B 477 10.05 -17.29 46.79
N SER B 478 8.80 -17.71 46.85
CA SER B 478 8.46 -19.11 46.66
C SER B 478 8.85 -19.71 45.32
N SER B 479 8.88 -21.03 45.28
CA SER B 479 9.23 -21.76 44.07
C SER B 479 8.01 -21.80 43.15
N SER B 480 6.83 -21.56 43.72
CA SER B 480 5.62 -21.57 42.93
C SER B 480 5.26 -20.17 42.43
N ALA B 481 6.18 -19.22 42.60
CA ALA B 481 5.91 -17.86 42.13
C ALA B 481 6.20 -17.76 40.64
N ASP B 482 5.31 -17.11 39.90
CA ASP B 482 5.50 -16.94 38.46
C ASP B 482 6.74 -16.08 38.24
N ILE B 483 6.90 -15.05 39.06
CA ILE B 483 8.06 -14.18 39.00
C ILE B 483 8.76 -14.40 40.34
N GLN B 484 9.89 -15.10 40.32
CA GLN B 484 10.59 -15.41 41.55
C GLN B 484 11.60 -14.43 42.07
N LEU B 485 11.37 -13.97 43.30
CA LEU B 485 12.27 -13.03 43.94
C LEU B 485 13.52 -13.72 44.48
N GLU B 486 14.64 -12.99 44.45
CA GLU B 486 15.90 -13.51 44.94
C GLU B 486 15.80 -13.59 46.47
N SER B 487 15.35 -12.50 47.08
CA SER B 487 15.21 -12.43 48.53
C SER B 487 13.93 -11.69 48.88
N ALA B 488 13.49 -11.82 50.12
CA ALA B 488 12.26 -11.16 50.53
C ALA B 488 12.45 -9.67 50.54
N ASP B 489 13.68 -9.23 50.77
CA ASP B 489 13.93 -7.78 50.79
C ASP B 489 14.71 -7.26 49.58
N GLU B 490 14.68 -7.98 48.45
CA GLU B 490 15.37 -7.55 47.24
C GLU B 490 14.97 -6.07 47.01
N PRO B 491 15.95 -5.20 46.74
CA PRO B 491 15.56 -3.80 46.55
C PRO B 491 14.54 -3.53 45.43
N ILE B 492 13.69 -2.53 45.65
CA ILE B 492 12.61 -2.14 44.70
C ILE B 492 13.01 -2.06 43.22
N SER B 493 14.02 -1.27 42.92
CA SER B 493 14.45 -1.12 41.53
C SER B 493 14.77 -2.47 40.92
N HIS B 494 15.36 -3.37 41.71
CA HIS B 494 15.70 -4.70 41.20
C HIS B 494 14.44 -5.49 40.90
N ILE B 495 13.44 -5.35 41.77
CA ILE B 495 12.18 -6.08 41.58
C ILE B 495 11.41 -5.58 40.33
N VAL B 496 11.36 -4.28 40.15
CA VAL B 496 10.69 -3.65 39.02
C VAL B 496 11.27 -4.17 37.71
N GLN B 497 12.59 -4.24 37.62
CA GLN B 497 13.18 -4.74 36.40
C GLN B 497 12.77 -6.18 36.16
N LYS B 498 12.82 -7.01 37.20
CA LYS B 498 12.42 -8.40 37.06
C LYS B 498 11.00 -8.51 36.54
N VAL B 499 10.09 -7.71 37.08
CA VAL B 499 8.71 -7.78 36.66
C VAL B 499 8.51 -7.24 35.25
N VAL B 500 9.26 -6.20 34.91
CA VAL B 500 9.16 -5.59 33.61
C VAL B 500 9.63 -6.55 32.54
N LEU B 501 10.76 -7.20 32.78
CA LEU B 501 11.28 -8.11 31.77
C LEU B 501 10.45 -9.38 31.63
N PHE B 502 9.82 -9.79 32.72
CA PHE B 502 8.97 -10.97 32.67
C PHE B 502 7.76 -10.66 31.78
N LEU B 503 7.13 -9.51 32.02
CA LEU B 503 5.96 -9.08 31.27
C LEU B 503 6.31 -8.88 29.81
N GLU B 504 7.57 -8.55 29.54
CA GLU B 504 7.95 -8.37 28.16
C GLU B 504 8.24 -9.73 27.54
N ASP B 505 8.90 -10.60 28.30
CA ASP B 505 9.20 -11.93 27.79
C ASP B 505 7.89 -12.61 27.40
N ASN B 506 6.82 -12.33 28.16
CA ASN B 506 5.52 -12.93 27.88
C ASN B 506 4.63 -12.07 26.99
N GLY B 507 5.26 -11.10 26.32
CA GLY B 507 4.56 -10.25 25.38
C GLY B 507 3.60 -9.14 25.77
N PHE B 508 3.45 -8.87 27.06
CA PHE B 508 2.53 -7.82 27.47
C PHE B 508 3.05 -6.45 27.08
N PHE B 509 4.36 -6.37 26.94
CA PHE B 509 5.05 -5.14 26.54
C PHE B 509 5.88 -5.45 25.32
N VAL B 510 5.84 -4.54 24.35
CA VAL B 510 6.65 -4.68 23.15
C VAL B 510 7.19 -3.28 22.87
N PHE B 511 8.49 -3.17 22.80
CA PHE B 511 9.11 -1.88 22.54
C PHE B 511 9.72 -1.92 21.14
#